data_3QK5
#
_entry.id   3QK5
#
_cell.length_a   91.431
_cell.length_b   104.701
_cell.length_c   148.596
_cell.angle_alpha   90.000
_cell.angle_beta   90.000
_cell.angle_gamma   90.000
#
_symmetry.space_group_name_H-M   'P 21 21 21'
#
loop_
_entity.id
_entity.type
_entity.pdbx_description
1 polymer 'Fatty-acid amide hydrolase 1'
2 non-polymer (3-{(3R)-1-[4-(1-benzothiophen-2-yl)pyrimidin-2-yl]piperidin-3-yl}-2-methyl-1H-pyrrolo[2,3-b]pyridin-1-yl)acetonitrile
3 non-polymer 1,2-ETHANEDIOL
4 non-polymer GLYCEROL
5 water water
#
_entity_poly.entity_id   1
_entity_poly.type   'polypeptide(L)'
_entity_poly.pdbx_seq_one_letter_code
;MGGSHHHHHHGMASMTGGQQMGRDLYDDDDKDRWGSELETGRQKARGAATRARQKQRASLETMDKAVQRFRLQNPDLDSE
ALLTLPLLQLVQKLQSGELSPEAVFFTYLGKAWEVNKGTNCVTSYLTDCETQLSQAPRQGLLYGVPVSLKECFSYKGHDS
TLGLSLNEGMPSESDCVVVQVLKLQGAVPFVHTNVPQSMLSFDCSNPLFGQTMNPWKSSKSPGGSSGGEGALIGSGGSPL
GLGTDIGGSIRFPSAFCGICGLKPTGNRLSKSGLKGCVYGQTAVQLSLGPMARDVESLALCLKALLCEHLFTLDPTVPPL
PFREEVYRSSRPLRVGYYETDNYTMPSPAMRRALIETKQRLEAAGHTLIPFLPNNIPYALEVLSAGGLFSDGGRSFLQNF
KGDFVDPCLGDLILILRLPSWFKRLLSLLLKPLFPRLAAFLNSMRPRSAEKLWKLQHEIEMYRQSVIAQWKAMNLDVLLT
PMLGPALDLNTPGRATGAISYTVLYNCLDFPAGVVPVTTVTAEDDAQMELYKGYFGDIWDIILKKAMKNSVGLPVAVQCV
ALPWQEELCLRFMREVEQLMTPQKQPS
;
_entity_poly.pdbx_strand_id   A,B
#
loop_
_chem_comp.id
_chem_comp.type
_chem_comp.name
_chem_comp.formula
EDO non-polymer 1,2-ETHANEDIOL 'C2 H6 O2'
GOL non-polymer GLYCEROL 'C3 H8 O3'
QK5 non-polymer (3-{(3R)-1-[4-(1-benzothiophen-2-yl)pyrimidin-2-yl]piperidin-3-yl}-2-methyl-1H-pyrrolo[2,3-b]pyridin-1-yl)acetonitrile 'C27 H24 N6 S'
#
# COMPACT_ATOMS: atom_id res chain seq x y z
N GLU A 37 36.51 0.55 -9.47
CA GLU A 37 36.68 1.75 -8.59
C GLU A 37 37.92 1.63 -7.71
N LEU A 38 38.63 2.75 -7.55
CA LEU A 38 39.88 2.82 -6.78
C LEU A 38 39.69 2.47 -5.30
N GLU A 39 40.60 1.67 -4.77
CA GLU A 39 40.58 1.29 -3.35
C GLU A 39 40.93 2.48 -2.45
N THR A 40 40.00 2.80 -1.54
CA THR A 40 40.14 3.98 -0.67
C THR A 40 40.60 3.64 0.75
N GLY A 41 40.68 2.35 1.06
CA GLY A 41 41.15 1.90 2.37
C GLY A 41 40.13 2.11 3.47
N ARG A 42 40.60 2.16 4.72
CA ARG A 42 39.73 2.14 5.88
C ARG A 42 39.94 3.27 6.89
N GLN A 43 40.69 4.30 6.50
CA GLN A 43 41.07 5.36 7.45
C GLN A 43 39.89 6.24 7.88
N LYS A 44 38.99 6.54 6.95
CA LYS A 44 37.75 7.24 7.27
C LYS A 44 36.88 6.37 8.20
N ALA A 45 36.77 5.08 7.87
CA ALA A 45 35.99 4.11 8.66
C ALA A 45 36.52 3.95 10.09
N ARG A 46 37.84 3.96 10.23
CA ARG A 46 38.48 3.87 11.54
C ARG A 46 38.22 5.11 12.38
N GLY A 47 38.29 6.29 11.74
CA GLY A 47 37.98 7.56 12.38
C GLY A 47 36.54 7.62 12.86
N ALA A 48 35.61 7.16 12.01
CA ALA A 48 34.20 7.07 12.36
C ALA A 48 33.98 6.18 13.60
N ALA A 49 34.71 5.08 13.66
CA ALA A 49 34.60 4.13 14.77
C ALA A 49 35.09 4.71 16.11
N THR A 50 36.18 5.46 16.08
CA THR A 50 36.69 6.08 17.30
C THR A 50 35.74 7.20 17.76
N ARG A 51 35.27 8.00 16.80
CA ARG A 51 34.26 9.03 17.07
C ARG A 51 32.97 8.45 17.67
N ALA A 52 32.48 7.35 17.09
CA ALA A 52 31.23 6.72 17.54
C ALA A 52 31.34 6.12 18.93
N ARG A 53 32.47 5.49 19.22
CA ARG A 53 32.68 4.88 20.52
C ARG A 53 32.84 5.94 21.60
N GLN A 54 33.36 7.11 21.22
CA GLN A 54 33.43 8.23 22.16
C GLN A 54 32.04 8.78 22.49
N LYS A 55 31.19 8.90 21.48
CA LYS A 55 29.81 9.38 21.68
C LYS A 55 29.03 8.45 22.57
N GLN A 56 29.22 7.14 22.36
CA GLN A 56 28.63 6.11 23.23
C GLN A 56 29.18 6.20 24.66
N ARG A 57 30.50 6.33 24.76
CA ARG A 57 31.20 6.48 26.05
C ARG A 57 30.70 7.72 26.81
N ALA A 58 30.68 8.86 26.14
CA ALA A 58 30.19 10.12 26.72
C ALA A 58 28.71 10.05 27.13
N SER A 59 27.90 9.39 26.29
CA SER A 59 26.47 9.16 26.55
C SER A 59 26.23 8.47 27.89
N LEU A 60 26.91 7.34 28.08
CA LEU A 60 26.76 6.54 29.28
C LEU A 60 27.25 7.23 30.55
N GLU A 61 28.28 8.06 30.42
CA GLU A 61 28.79 8.87 31.53
C GLU A 61 27.76 9.92 31.95
N THR A 62 27.20 10.60 30.95
CA THR A 62 26.13 11.58 31.15
C THR A 62 24.91 10.92 31.82
N MET A 63 24.59 9.71 31.38
CA MET A 63 23.52 8.91 31.99
C MET A 63 23.80 8.64 33.46
N ASP A 64 24.97 8.07 33.72
CA ASP A 64 25.43 7.78 35.08
C ASP A 64 25.41 9.00 36.00
N LYS A 65 25.92 10.13 35.51
CA LYS A 65 25.97 11.36 36.30
C LYS A 65 24.59 11.88 36.66
N ALA A 66 23.66 11.83 35.70
CA ALA A 66 22.28 12.25 35.92
C ALA A 66 21.60 11.41 37.00
N VAL A 67 21.80 10.09 36.95
CA VAL A 67 21.15 9.19 37.91
C VAL A 67 21.77 9.24 39.31
N GLN A 68 23.07 9.53 39.39
CA GLN A 68 23.75 9.69 40.67
C GLN A 68 23.22 10.92 41.41
N ARG A 69 23.09 12.02 40.68
CA ARG A 69 22.49 13.23 41.24
C ARG A 69 21.10 12.95 41.80
N PHE A 70 20.26 12.29 41.00
CA PHE A 70 18.89 12.01 41.39
C PHE A 70 18.78 11.12 42.63
N ARG A 71 19.51 10.01 42.64
CA ARG A 71 19.53 9.06 43.76
C ARG A 71 19.95 9.74 45.07
N LEU A 72 20.86 10.69 44.96
CA LEU A 72 21.34 11.45 46.11
C LEU A 72 20.22 12.29 46.71
N GLN A 73 19.34 12.80 45.85
CA GLN A 73 18.19 13.62 46.27
CA GLN A 73 18.20 13.61 46.31
C GLN A 73 16.98 12.76 46.67
N ASN A 74 17.02 11.48 46.32
CA ASN A 74 15.92 10.55 46.64
C ASN A 74 16.41 9.19 47.19
N PRO A 75 16.93 9.17 48.44
CA PRO A 75 17.32 7.87 49.01
C PRO A 75 16.12 7.04 49.43
N ASP A 76 14.96 7.69 49.54
CA ASP A 76 13.70 7.06 49.95
C ASP A 76 13.13 6.11 48.89
N LEU A 77 13.47 6.36 47.63
CA LEU A 77 12.87 5.68 46.47
C LEU A 77 13.17 4.19 46.43
N ASP A 78 12.11 3.38 46.26
CA ASP A 78 12.26 1.95 46.11
C ASP A 78 12.46 1.57 44.64
N SER A 79 13.72 1.62 44.20
CA SER A 79 14.12 1.29 42.83
C SER A 79 13.51 -0.01 42.33
N GLU A 80 13.72 -1.08 43.10
CA GLU A 80 13.37 -2.44 42.68
C GLU A 80 11.86 -2.68 42.55
N ALA A 81 11.05 -1.95 43.33
CA ALA A 81 9.60 -2.05 43.23
C ALA A 81 9.10 -1.34 41.97
N LEU A 82 9.72 -0.21 41.67
CA LEU A 82 9.38 0.60 40.51
C LEU A 82 9.68 -0.14 39.20
N LEU A 83 10.86 -0.77 39.15
CA LEU A 83 11.34 -1.47 37.96
C LEU A 83 10.59 -2.77 37.65
N THR A 84 10.00 -3.38 38.67
CA THR A 84 9.25 -4.63 38.52
C THR A 84 7.77 -4.39 38.19
N LEU A 85 7.35 -3.14 38.19
CA LEU A 85 5.98 -2.79 37.81
C LEU A 85 5.70 -3.09 36.34
N PRO A 86 4.61 -3.84 36.07
CA PRO A 86 4.15 -3.97 34.69
C PRO A 86 3.83 -2.59 34.13
N LEU A 87 4.09 -2.38 32.85
CA LEU A 87 3.90 -1.07 32.22
C LEU A 87 2.53 -0.46 32.51
N LEU A 88 1.48 -1.28 32.43
CA LEU A 88 0.11 -0.80 32.67
C LEU A 88 -0.05 -0.15 34.04
N GLN A 89 0.49 -0.78 35.08
CA GLN A 89 0.47 -0.23 36.43
C GLN A 89 1.39 1.00 36.54
N LEU A 90 2.54 0.95 35.88
CA LEU A 90 3.48 2.07 35.82
C LEU A 90 2.79 3.31 35.25
N VAL A 91 2.12 3.12 34.10
CA VAL A 91 1.33 4.16 33.44
C VAL A 91 0.26 4.73 34.39
N GLN A 92 -0.43 3.81 35.06
CA GLN A 92 -1.52 4.16 35.97
C GLN A 92 -1.04 5.04 37.13
N LYS A 93 0.11 4.69 37.70
CA LYS A 93 0.69 5.45 38.79
C LYS A 93 1.26 6.80 38.32
N LEU A 94 1.83 6.81 37.12
CA LEU A 94 2.26 8.06 36.47
C LEU A 94 1.08 9.01 36.29
N GLN A 95 -0.05 8.46 35.87
CA GLN A 95 -1.26 9.24 35.59
C GLN A 95 -1.93 9.77 36.86
N SER A 96 -1.93 8.97 37.92
CA SER A 96 -2.53 9.39 39.18
C SER A 96 -1.68 10.39 39.95
N GLY A 97 -0.36 10.30 39.78
CA GLY A 97 0.56 11.17 40.50
C GLY A 97 1.31 10.43 41.60
N GLU A 98 0.94 9.18 41.81
CA GLU A 98 1.58 8.30 42.79
C GLU A 98 3.09 8.20 42.56
N LEU A 99 3.48 8.23 41.29
CA LEU A 99 4.90 8.24 40.92
C LEU A 99 5.18 9.45 40.05
N SER A 100 6.25 10.17 40.36
CA SER A 100 6.66 11.31 39.56
C SER A 100 7.32 10.81 38.26
N PRO A 101 7.15 11.57 37.16
CA PRO A 101 7.84 11.18 35.92
C PRO A 101 9.36 11.13 36.07
N GLU A 102 9.91 11.95 36.98
CA GLU A 102 11.35 11.96 37.25
C GLU A 102 11.81 10.69 37.92
N ALA A 103 11.02 10.21 38.88
CA ALA A 103 11.33 8.99 39.61
C ALA A 103 11.45 7.77 38.69
N VAL A 104 10.50 7.62 37.77
CA VAL A 104 10.54 6.48 36.86
C VAL A 104 11.60 6.65 35.76
N PHE A 105 11.81 7.89 35.33
CA PHE A 105 12.82 8.17 34.30
C PHE A 105 14.23 7.83 34.78
N PHE A 106 14.62 8.40 35.91
CA PHE A 106 15.98 8.21 36.42
C PHE A 106 16.26 6.80 36.94
N THR A 107 15.22 6.12 37.42
CA THR A 107 15.32 4.73 37.85
C THR A 107 15.56 3.80 36.66
N TYR A 108 14.85 4.04 35.56
CA TYR A 108 15.10 3.28 34.32
C TYR A 108 16.43 3.63 33.69
N LEU A 109 16.79 4.91 33.69
CA LEU A 109 18.10 5.34 33.20
C LEU A 109 19.23 4.57 33.90
N GLY A 110 19.14 4.49 35.22
CA GLY A 110 20.10 3.76 36.04
C GLY A 110 20.15 2.28 35.71
N LYS A 111 18.99 1.66 35.56
CA LYS A 111 18.91 0.25 35.20
C LYS A 111 19.48 -0.01 33.80
N ALA A 112 19.17 0.88 32.86
CA ALA A 112 19.62 0.75 31.48
C ALA A 112 21.14 0.86 31.39
N TRP A 113 21.71 1.80 32.14
CA TRP A 113 23.15 1.94 32.29
C TRP A 113 23.76 0.64 32.83
N GLU A 114 23.11 0.06 33.84
CA GLU A 114 23.58 -1.14 34.52
C GLU A 114 23.58 -2.38 33.63
N VAL A 115 22.47 -2.62 32.94
CA VAL A 115 22.35 -3.81 32.09
C VAL A 115 23.23 -3.70 30.85
N ASN A 116 23.51 -2.47 30.43
CA ASN A 116 24.37 -2.20 29.27
C ASN A 116 25.81 -2.70 29.45
N LYS A 117 26.28 -2.71 30.70
CA LYS A 117 27.63 -3.18 31.04
C LYS A 117 27.87 -4.63 30.62
N GLY A 118 26.83 -5.47 30.66
CA GLY A 118 26.96 -6.86 30.24
C GLY A 118 26.43 -7.18 28.84
N THR A 119 25.77 -6.20 28.21
CA THR A 119 25.10 -6.42 26.92
C THR A 119 25.60 -5.58 25.75
N ASN A 120 26.09 -4.37 26.03
CA ASN A 120 26.47 -3.38 25.01
C ASN A 120 25.33 -3.13 24.01
N CYS A 121 24.16 -2.78 24.55
CA CYS A 121 22.96 -2.60 23.76
C CYS A 121 22.65 -1.12 23.45
N VAL A 122 23.19 -0.21 24.26
CA VAL A 122 22.97 1.23 24.09
C VAL A 122 24.07 1.85 23.21
N THR A 123 23.66 2.60 22.18
CA THR A 123 24.64 3.31 21.35
C THR A 123 24.74 4.79 21.73
N SER A 124 23.62 5.37 22.13
CA SER A 124 23.54 6.81 22.40
C SER A 124 22.42 7.15 23.38
N TYR A 125 22.72 8.07 24.30
CA TYR A 125 21.73 8.68 25.16
C TYR A 125 21.15 9.85 24.39
N LEU A 126 19.83 9.95 24.34
CA LEU A 126 19.17 11.06 23.67
C LEU A 126 19.17 12.25 24.64
N THR A 127 20.14 13.14 24.47
CA THR A 127 20.53 14.10 25.51
C THR A 127 19.44 15.09 25.92
N ASP A 128 18.64 15.52 24.96
CA ASP A 128 17.59 16.51 25.20
C ASP A 128 16.35 15.94 25.91
N CYS A 129 16.41 14.65 26.26
CA CYS A 129 15.21 13.95 26.75
C CYS A 129 14.69 14.44 28.11
N GLU A 130 15.51 15.17 28.85
CA GLU A 130 15.09 15.77 30.11
C GLU A 130 14.15 16.96 29.90
N THR A 131 14.25 17.61 28.75
CA THR A 131 13.33 18.69 28.41
C THR A 131 11.96 18.12 28.03
N GLN A 132 11.95 17.02 27.27
CA GLN A 132 10.72 16.29 26.95
C GLN A 132 10.03 15.79 28.23
N LEU A 133 10.84 15.38 29.20
CA LEU A 133 10.37 14.96 30.52
C LEU A 133 9.51 16.05 31.15
N SER A 134 9.97 17.30 31.07
CA SER A 134 9.22 18.43 31.61
C SER A 134 8.05 18.85 30.72
N GLN A 135 8.21 18.69 29.40
CA GLN A 135 7.18 19.11 28.43
C GLN A 135 6.09 18.07 28.18
N ALA A 136 6.30 16.84 28.69
CA ALA A 136 5.40 15.72 28.41
C ALA A 136 3.94 16.02 28.71
N PRO A 137 3.06 15.92 27.70
CA PRO A 137 1.63 16.16 27.89
C PRO A 137 1.04 15.19 28.93
N ARG A 138 0.41 15.75 29.95
CA ARG A 138 -0.07 14.99 31.10
C ARG A 138 -1.28 14.12 30.76
N GLN A 139 -2.05 14.54 29.76
CA GLN A 139 -3.20 13.75 29.31
C GLN A 139 -2.80 12.66 28.30
N GLY A 140 -1.53 12.65 27.88
CA GLY A 140 -1.01 11.65 26.95
C GLY A 140 -1.11 10.23 27.47
N LEU A 141 -1.43 9.29 26.57
CA LEU A 141 -1.64 7.88 26.95
C LEU A 141 -0.36 7.16 27.40
N LEU A 142 0.78 7.77 27.12
CA LEU A 142 2.07 7.21 27.54
C LEU A 142 2.82 8.19 28.44
N TYR A 143 2.08 8.99 29.19
CA TYR A 143 2.67 10.03 30.04
C TYR A 143 3.70 9.45 31.00
N GLY A 144 4.95 9.91 30.85
CA GLY A 144 6.03 9.55 31.77
C GLY A 144 6.74 8.23 31.48
N VAL A 145 6.35 7.55 30.41
CA VAL A 145 6.95 6.27 30.05
C VAL A 145 8.27 6.47 29.29
N PRO A 146 9.37 5.92 29.84
CA PRO A 146 10.65 5.91 29.12
C PRO A 146 10.57 4.91 27.98
N VAL A 147 11.00 5.30 26.79
CA VAL A 147 10.94 4.42 25.62
C VAL A 147 12.30 4.34 24.93
N SER A 148 12.70 3.13 24.57
CA SER A 148 13.93 2.92 23.84
C SER A 148 13.68 2.86 22.34
N LEU A 149 14.62 3.37 21.56
CA LEU A 149 14.46 3.41 20.12
C LEU A 149 15.58 2.67 19.41
N LYS A 150 15.21 1.75 18.52
CA LYS A 150 16.16 1.17 17.58
C LYS A 150 16.85 2.32 16.85
N GLU A 151 18.16 2.20 16.64
CA GLU A 151 18.98 3.31 16.14
C GLU A 151 18.47 3.96 14.84
N CYS A 152 17.78 3.19 14.01
CA CYS A 152 17.25 3.71 12.73
C CYS A 152 16.10 4.73 12.85
N PHE A 153 15.50 4.84 14.04
CA PHE A 153 14.47 5.85 14.28
C PHE A 153 15.15 7.21 14.48
N SER A 154 15.08 8.05 13.45
CA SER A 154 15.78 9.34 13.47
CA SER A 154 15.76 9.36 13.46
C SER A 154 15.32 10.23 14.62
N TYR A 155 16.29 10.78 15.33
CA TYR A 155 16.05 11.65 16.45
C TYR A 155 16.92 12.89 16.24
N LYS A 156 16.29 14.06 16.35
CA LYS A 156 16.93 15.34 16.07
C LYS A 156 18.31 15.49 16.73
N GLY A 157 19.33 15.79 15.91
CA GLY A 157 20.70 16.04 16.39
C GLY A 157 21.54 14.79 16.62
N HIS A 158 20.99 13.63 16.29
CA HIS A 158 21.67 12.35 16.48
C HIS A 158 21.85 11.59 15.17
N ASP A 159 22.98 10.89 15.05
CA ASP A 159 23.21 9.99 13.93
C ASP A 159 22.27 8.79 14.01
N SER A 160 21.84 8.32 12.85
CA SER A 160 21.36 6.97 12.70
C SER A 160 22.36 6.29 11.78
N THR A 161 23.40 5.72 12.38
CA THR A 161 24.54 5.19 11.64
C THR A 161 24.24 3.88 10.91
N LEU A 162 23.47 3.02 11.57
CA LEU A 162 23.25 1.64 11.09
C LEU A 162 24.56 0.85 11.08
N GLY A 163 25.52 1.29 11.87
CA GLY A 163 26.85 0.69 11.93
C GLY A 163 27.70 0.96 10.71
N LEU A 164 27.26 1.90 9.88
CA LEU A 164 27.91 2.22 8.61
C LEU A 164 28.67 3.52 8.74
N SER A 165 29.95 3.49 8.37
CA SER A 165 30.83 4.64 8.48
C SER A 165 30.30 5.89 7.77
N LEU A 166 29.75 5.72 6.57
CA LEU A 166 29.22 6.85 5.80
C LEU A 166 28.03 7.58 6.45
N ASN A 167 27.45 7.00 7.50
CA ASN A 167 26.36 7.63 8.23
C ASN A 167 26.80 8.28 9.55
N GLU A 168 28.07 8.07 9.92
CA GLU A 168 28.63 8.68 11.12
C GLU A 168 28.85 10.18 10.86
N GLY A 169 28.48 10.99 11.83
CA GLY A 169 28.59 12.45 11.71
C GLY A 169 27.61 13.05 10.71
N MET A 170 26.44 12.41 10.59
CA MET A 170 25.35 12.94 9.76
C MET A 170 24.08 12.99 10.63
N PRO A 171 23.97 13.99 11.52
CA PRO A 171 22.87 14.03 12.48
C PRO A 171 21.52 14.34 11.83
N SER A 172 20.46 13.72 12.34
CA SER A 172 19.11 13.95 11.83
CA SER A 172 19.11 13.95 11.83
C SER A 172 18.69 15.39 12.11
N GLU A 173 18.00 15.99 11.14
CA GLU A 173 17.51 17.36 11.30
C GLU A 173 16.24 17.41 12.13
N SER A 174 15.54 16.28 12.22
CA SER A 174 14.32 16.20 13.01
C SER A 174 14.01 14.78 13.48
N ASP A 175 13.16 14.70 14.50
CA ASP A 175 12.55 13.45 14.95
C ASP A 175 11.71 12.87 13.83
N CYS A 176 11.69 11.54 13.71
CA CYS A 176 10.83 10.88 12.74
C CYS A 176 9.37 10.93 13.23
N VAL A 177 8.43 10.63 12.34
CA VAL A 177 7.02 10.74 12.69
C VAL A 177 6.63 9.98 13.97
N VAL A 178 6.95 8.69 14.05
CA VAL A 178 6.55 7.91 15.23
C VAL A 178 7.13 8.43 16.55
N VAL A 179 8.35 8.95 16.51
CA VAL A 179 8.98 9.60 17.66
C VAL A 179 8.20 10.85 18.08
N GLN A 180 7.88 11.69 17.09
CA GLN A 180 6.99 12.83 17.31
C GLN A 180 5.70 12.41 17.98
N VAL A 181 5.11 11.31 17.51
CA VAL A 181 3.84 10.83 18.07
C VAL A 181 4.03 10.33 19.51
N LEU A 182 5.12 9.63 19.76
CA LEU A 182 5.42 9.17 21.12
C LEU A 182 5.52 10.32 22.10
N LYS A 183 6.25 11.37 21.70
CA LYS A 183 6.43 12.56 22.53
C LYS A 183 5.09 13.27 22.78
N LEU A 184 4.29 13.38 21.72
CA LEU A 184 2.96 13.95 21.83
C LEU A 184 2.06 13.16 22.77
N GLN A 185 2.33 11.85 22.90
CA GLN A 185 1.59 10.99 23.84
C GLN A 185 2.22 10.96 25.24
N GLY A 186 3.28 11.76 25.42
CA GLY A 186 3.87 11.97 26.73
C GLY A 186 4.98 11.01 27.10
N ALA A 187 5.31 10.11 26.17
CA ALA A 187 6.42 9.18 26.37
C ALA A 187 7.73 9.94 26.30
N VAL A 188 8.79 9.35 26.88
CA VAL A 188 10.09 10.01 26.91
C VAL A 188 11.14 9.09 26.27
N PRO A 189 11.33 9.19 24.93
CA PRO A 189 12.42 8.45 24.28
C PRO A 189 13.74 8.81 24.93
N PHE A 190 14.55 7.81 25.28
CA PHE A 190 15.77 8.09 26.06
C PHE A 190 17.09 7.52 25.53
N VAL A 191 17.01 6.43 24.76
CA VAL A 191 18.21 5.85 24.14
C VAL A 191 17.99 5.37 22.71
N HIS A 192 19.08 5.38 21.94
CA HIS A 192 19.19 4.62 20.68
C HIS A 192 19.88 3.29 20.98
N THR A 193 19.29 2.20 20.48
CA THR A 193 19.84 0.87 20.74
C THR A 193 20.49 0.25 19.51
N ASN A 194 21.47 -0.62 19.75
CA ASN A 194 22.35 -1.16 18.73
C ASN A 194 21.67 -2.05 17.68
N VAL A 195 22.27 -2.04 16.49
CA VAL A 195 21.82 -2.86 15.36
C VAL A 195 23.03 -3.53 14.71
N PRO A 196 22.83 -4.69 14.05
CA PRO A 196 23.90 -5.22 13.23
C PRO A 196 24.18 -4.27 12.06
N GLN A 197 25.41 -4.30 11.54
CA GLN A 197 25.79 -3.41 10.44
C GLN A 197 24.82 -3.49 9.28
N SER A 198 24.29 -2.32 8.92
CA SER A 198 23.33 -2.15 7.80
CA SER A 198 23.32 -2.13 7.82
C SER A 198 21.94 -2.74 8.07
N MET A 199 21.81 -3.49 9.15
CA MET A 199 20.54 -4.13 9.55
C MET A 199 20.11 -5.37 8.75
N LEU A 200 20.91 -5.77 7.75
CA LEU A 200 20.58 -6.98 6.99
C LEU A 200 21.18 -8.22 7.66
N SER A 201 20.70 -8.51 8.87
CA SER A 201 21.22 -9.59 9.71
C SER A 201 20.27 -9.84 10.86
N PHE A 202 20.22 -11.08 11.34
CA PHE A 202 19.55 -11.35 12.62
C PHE A 202 20.51 -11.67 13.77
N ASP A 203 21.74 -11.16 13.64
CA ASP A 203 22.70 -11.01 14.74
C ASP A 203 22.72 -9.52 15.10
N CYS A 204 23.70 -9.06 15.88
CA CYS A 204 23.71 -7.67 16.34
C CYS A 204 25.09 -7.07 16.63
N SER A 205 25.90 -6.95 15.58
CA SER A 205 27.23 -6.38 15.70
C SER A 205 27.53 -5.46 14.52
N ASN A 206 28.22 -4.35 14.82
CA ASN A 206 28.73 -3.48 13.78
C ASN A 206 30.14 -2.93 14.13
N PRO A 207 30.90 -2.47 13.13
CA PRO A 207 32.27 -1.97 13.37
C PRO A 207 32.32 -0.66 14.19
N LEU A 208 31.20 0.02 14.34
CA LEU A 208 31.14 1.29 15.06
C LEU A 208 30.94 1.15 16.57
N PHE A 209 29.91 0.38 16.98
CA PHE A 209 29.56 0.25 18.40
C PHE A 209 29.83 -1.15 18.94
N GLY A 210 30.31 -2.03 18.07
CA GLY A 210 30.66 -3.38 18.46
C GLY A 210 29.45 -4.29 18.58
N GLN A 211 29.61 -5.30 19.43
CA GLN A 211 28.74 -6.45 19.46
C GLN A 211 27.77 -6.44 20.64
N THR A 212 26.49 -6.60 20.35
CA THR A 212 25.49 -6.73 21.40
C THR A 212 25.37 -8.19 21.81
N MET A 213 25.16 -8.41 23.12
CA MET A 213 25.13 -9.75 23.68
C MET A 213 23.78 -10.04 24.34
N ASN A 214 23.33 -11.28 24.22
CA ASN A 214 22.13 -11.75 24.91
C ASN A 214 22.28 -11.63 26.44
N PRO A 215 21.30 -11.02 27.11
CA PRO A 215 21.33 -10.91 28.58
C PRO A 215 21.27 -12.25 29.32
N TRP A 216 20.70 -13.27 28.67
CA TRP A 216 20.58 -14.59 29.26
C TRP A 216 21.88 -15.39 29.26
N LYS A 217 22.74 -15.12 28.29
CA LYS A 217 23.98 -15.88 28.08
C LYS A 217 24.87 -15.11 27.11
N SER A 218 26.05 -14.71 27.59
CA SER A 218 26.89 -13.77 26.84
C SER A 218 27.55 -14.37 25.58
N SER A 219 27.54 -15.69 25.47
CA SER A 219 28.02 -16.35 24.25
C SER A 219 26.95 -16.40 23.15
N LYS A 220 25.73 -15.97 23.49
CA LYS A 220 24.61 -16.05 22.56
C LYS A 220 24.24 -14.71 21.93
N SER A 221 23.77 -14.76 20.69
CA SER A 221 23.18 -13.60 20.03
C SER A 221 21.91 -13.13 20.76
N PRO A 222 21.70 -11.80 20.84
CA PRO A 222 20.42 -11.27 21.30
C PRO A 222 19.41 -11.26 20.15
N GLY A 223 19.86 -11.67 18.97
CA GLY A 223 19.03 -11.59 17.78
C GLY A 223 19.13 -10.21 17.15
N GLY A 224 18.39 -10.02 16.07
CA GLY A 224 18.41 -8.76 15.33
C GLY A 224 17.38 -8.75 14.23
N SER A 225 17.26 -7.64 13.52
CA SER A 225 18.18 -6.50 13.66
C SER A 225 17.86 -5.54 14.82
N SER A 226 16.71 -5.73 15.48
CA SER A 226 16.40 -4.95 16.68
C SER A 226 17.07 -5.56 17.91
N GLY A 227 18.35 -5.91 17.78
CA GLY A 227 19.08 -6.63 18.82
C GLY A 227 19.26 -5.87 20.12
N GLY A 228 19.67 -4.61 20.02
CA GLY A 228 19.81 -3.73 21.18
C GLY A 228 18.52 -3.60 21.99
N GLU A 229 17.39 -3.43 21.29
CA GLU A 229 16.08 -3.37 21.94
C GLU A 229 15.78 -4.63 22.74
N GLY A 230 16.03 -5.78 22.12
CA GLY A 230 15.80 -7.07 22.76
C GLY A 230 16.61 -7.24 24.03
N ALA A 231 17.92 -6.95 23.93
CA ALA A 231 18.81 -7.08 25.07
C ALA A 231 18.39 -6.14 26.20
N LEU A 232 18.12 -4.89 25.86
CA LEU A 232 17.75 -3.87 26.85
C LEU A 232 16.44 -4.21 27.58
N ILE A 233 15.37 -4.42 26.82
CA ILE A 233 14.05 -4.72 27.40
C ILE A 233 14.07 -6.06 28.14
N GLY A 234 14.74 -7.05 27.55
CA GLY A 234 14.85 -8.38 28.13
C GLY A 234 15.56 -8.45 29.48
N SER A 235 16.39 -7.46 29.77
CA SER A 235 17.09 -7.43 31.05
C SER A 235 16.49 -6.42 32.03
N GLY A 236 15.36 -5.83 31.66
CA GLY A 236 14.61 -4.94 32.55
C GLY A 236 14.93 -3.46 32.42
N GLY A 237 15.81 -3.11 31.48
CA GLY A 237 16.28 -1.73 31.32
C GLY A 237 15.38 -0.77 30.56
N SER A 238 14.27 -1.28 30.02
CA SER A 238 13.30 -0.48 29.27
C SER A 238 11.93 -1.16 29.28
N PRO A 239 10.87 -0.39 29.58
CA PRO A 239 9.54 -1.01 29.65
C PRO A 239 8.85 -1.15 28.28
N LEU A 240 9.36 -0.43 27.28
CA LEU A 240 8.76 -0.40 25.95
C LEU A 240 9.77 0.12 24.94
N GLY A 241 9.86 -0.54 23.79
CA GLY A 241 10.73 -0.09 22.72
C GLY A 241 10.12 -0.23 21.33
N LEU A 242 10.70 0.48 20.37
CA LEU A 242 10.28 0.39 18.97
C LEU A 242 11.38 -0.22 18.11
N GLY A 243 10.99 -1.18 17.29
CA GLY A 243 11.90 -1.78 16.31
C GLY A 243 11.31 -1.77 14.90
N THR A 244 12.03 -2.40 13.98
CA THR A 244 11.57 -2.57 12.60
C THR A 244 11.75 -4.04 12.22
N ASP A 245 11.01 -4.47 11.20
CA ASP A 245 10.99 -5.86 10.78
C ASP A 245 10.69 -5.93 9.28
N ILE A 246 11.64 -6.48 8.53
CA ILE A 246 11.46 -6.74 7.10
C ILE A 246 11.75 -8.23 6.76
N GLY A 247 12.41 -8.93 7.67
CA GLY A 247 12.69 -10.36 7.55
C GLY A 247 12.57 -11.12 8.87
N GLY A 248 12.22 -10.41 9.94
CA GLY A 248 12.11 -10.98 11.28
C GLY A 248 12.72 -10.16 12.40
N SER A 249 13.18 -8.95 12.06
CA SER A 249 14.00 -8.13 12.97
C SER A 249 13.33 -7.63 14.27
N ILE A 250 12.02 -7.78 14.38
CA ILE A 250 11.34 -7.53 15.66
C ILE A 250 11.19 -8.85 16.40
N ARG A 251 10.86 -9.90 15.64
CA ARG A 251 10.52 -11.21 16.20
C ARG A 251 11.73 -12.01 16.68
N PHE A 252 12.83 -12.00 15.92
CA PHE A 252 14.07 -12.70 16.34
C PHE A 252 14.59 -12.23 17.71
N PRO A 253 14.84 -10.92 17.89
CA PRO A 253 15.36 -10.47 19.19
C PRO A 253 14.34 -10.62 20.33
N SER A 254 13.05 -10.56 20.01
CA SER A 254 12.01 -10.83 21.01
C SER A 254 12.07 -12.27 21.50
N ALA A 255 12.11 -13.21 20.55
CA ALA A 255 12.22 -14.64 20.87
C ALA A 255 13.53 -15.00 21.59
N PHE A 256 14.65 -14.48 21.10
CA PHE A 256 15.97 -14.80 21.65
C PHE A 256 16.15 -14.26 23.07
N CYS A 257 15.52 -13.12 23.37
CA CYS A 257 15.69 -12.43 24.67
C CYS A 257 14.50 -12.61 25.64
N GLY A 258 13.50 -13.38 25.23
CA GLY A 258 12.36 -13.70 26.10
C GLY A 258 11.44 -12.54 26.37
N ILE A 259 11.14 -11.77 25.33
CA ILE A 259 10.20 -10.66 25.44
C ILE A 259 9.17 -10.78 24.32
N CYS A 260 8.11 -9.98 24.39
CA CYS A 260 7.05 -9.97 23.37
CA CYS A 260 7.12 -10.03 23.32
C CYS A 260 7.32 -8.89 22.34
N GLY A 261 6.95 -9.16 21.09
CA GLY A 261 7.07 -8.18 20.02
C GLY A 261 5.98 -8.40 18.98
N LEU A 262 5.63 -7.33 18.27
CA LEU A 262 4.60 -7.40 17.24
C LEU A 262 5.09 -6.72 15.98
N LYS A 263 4.99 -7.45 14.86
CA LYS A 263 5.22 -6.87 13.55
C LYS A 263 3.87 -6.64 12.86
N PRO A 264 3.42 -5.38 12.80
CA PRO A 264 2.15 -5.10 12.14
C PRO A 264 2.27 -5.22 10.62
N THR A 265 1.13 -5.09 9.94
CA THR A 265 1.09 -4.90 8.50
C THR A 265 2.01 -3.70 8.17
N GLY A 266 2.73 -3.81 7.07
CA GLY A 266 3.73 -2.80 6.68
C GLY A 266 3.31 -1.35 6.86
N ASN A 267 2.12 -1.01 6.37
CA ASN A 267 1.67 0.38 6.41
C ASN A 267 0.61 0.71 7.46
N ARG A 268 0.56 -0.06 8.54
CA ARG A 268 -0.29 0.28 9.69
C ARG A 268 0.33 1.45 10.47
N LEU A 269 1.67 1.56 10.42
CA LEU A 269 2.39 2.63 11.11
C LEU A 269 3.29 3.40 10.13
N SER A 270 3.67 4.62 10.49
CA SER A 270 4.45 5.49 9.61
C SER A 270 5.95 5.14 9.53
N LYS A 271 6.44 4.99 8.30
CA LYS A 271 7.88 4.76 8.06
C LYS A 271 8.63 6.07 7.83
N SER A 272 7.90 7.18 7.92
CA SER A 272 8.47 8.48 7.57
C SER A 272 9.59 8.88 8.55
N GLY A 273 10.76 9.18 7.99
CA GLY A 273 11.93 9.53 8.79
C GLY A 273 12.72 8.34 9.31
N LEU A 274 12.40 7.13 8.84
CA LEU A 274 13.16 5.96 9.25
C LEU A 274 14.39 5.78 8.39
N LYS A 275 15.54 5.70 9.06
CA LYS A 275 16.81 5.54 8.38
C LYS A 275 16.95 4.11 7.85
N GLY A 276 17.24 4.00 6.55
CA GLY A 276 17.50 2.73 5.90
C GLY A 276 18.72 2.84 5.02
N CYS A 277 19.18 1.71 4.49
CA CYS A 277 20.33 1.71 3.61
C CYS A 277 19.95 1.55 2.13
N VAL A 278 18.73 1.09 1.89
CA VAL A 278 18.20 0.96 0.52
C VAL A 278 16.79 1.56 0.46
N TYR A 279 16.56 2.40 -0.53
CA TYR A 279 15.25 3.05 -0.69
C TYR A 279 14.61 2.70 -2.03
N GLY A 280 13.28 2.56 -2.02
CA GLY A 280 12.51 2.33 -3.24
C GLY A 280 12.08 0.89 -3.46
N GLN A 281 12.59 -0.03 -2.64
CA GLN A 281 12.18 -1.42 -2.67
C GLN A 281 10.82 -1.53 -2.00
N THR A 282 9.80 -1.91 -2.79
CA THR A 282 8.42 -1.97 -2.30
C THR A 282 7.78 -3.36 -2.42
N ALA A 283 8.55 -4.33 -2.94
CA ALA A 283 8.08 -5.72 -3.06
C ALA A 283 7.86 -6.39 -1.70
N VAL A 284 8.89 -6.35 -0.85
CA VAL A 284 8.79 -6.89 0.50
C VAL A 284 8.77 -5.70 1.43
N GLN A 285 7.60 -5.46 2.01
CA GLN A 285 7.33 -4.28 2.82
C GLN A 285 8.08 -4.29 4.14
N LEU A 286 8.63 -3.13 4.50
CA LEU A 286 9.18 -2.89 5.83
C LEU A 286 8.06 -2.57 6.83
N SER A 287 8.22 -3.04 8.06
CA SER A 287 7.25 -2.78 9.13
CA SER A 287 7.25 -2.77 9.11
C SER A 287 7.96 -2.27 10.37
N LEU A 288 7.23 -1.54 11.20
CA LEU A 288 7.74 -1.11 12.50
C LEU A 288 6.71 -1.46 13.57
N GLY A 289 7.16 -1.65 14.80
CA GLY A 289 6.27 -2.08 15.87
C GLY A 289 6.88 -2.13 17.26
N PRO A 290 6.05 -2.38 18.28
CA PRO A 290 6.49 -2.36 19.65
C PRO A 290 7.14 -3.66 20.10
N MET A 291 8.03 -3.53 21.08
CA MET A 291 8.63 -4.64 21.78
C MET A 291 8.53 -4.27 23.26
N ALA A 292 8.20 -5.25 24.10
CA ALA A 292 7.96 -5.00 25.53
C ALA A 292 7.94 -6.30 26.33
N ARG A 293 7.60 -6.21 27.61
CA ARG A 293 7.64 -7.36 28.51
C ARG A 293 6.32 -8.17 28.55
N ASP A 294 5.23 -7.57 28.11
CA ASP A 294 3.93 -8.28 28.07
C ASP A 294 3.11 -7.81 26.87
N VAL A 295 2.13 -8.62 26.42
CA VAL A 295 1.35 -8.23 25.23
C VAL A 295 0.49 -6.99 25.46
N GLU A 296 0.03 -6.79 26.70
CA GLU A 296 -0.75 -5.61 27.06
C GLU A 296 0.01 -4.31 26.75
N SER A 297 1.34 -4.33 27.00
CA SER A 297 2.22 -3.20 26.66
C SER A 297 2.24 -2.92 25.16
N LEU A 298 2.28 -3.97 24.35
CA LEU A 298 2.26 -3.85 22.89
C LEU A 298 0.96 -3.22 22.40
N ALA A 299 -0.16 -3.63 23.00
CA ALA A 299 -1.48 -3.09 22.66
C ALA A 299 -1.64 -1.62 23.04
N LEU A 300 -1.10 -1.24 24.19
CA LEU A 300 -1.12 0.15 24.64
C LEU A 300 -0.33 1.04 23.67
N CYS A 301 0.86 0.57 23.30
CA CYS A 301 1.72 1.28 22.36
C CYS A 301 1.03 1.49 21.01
N LEU A 302 0.41 0.43 20.47
CA LEU A 302 -0.36 0.56 19.23
C LEU A 302 -1.50 1.57 19.36
N LYS A 303 -2.26 1.47 20.45
CA LYS A 303 -3.35 2.39 20.75
C LYS A 303 -2.85 3.83 20.79
N ALA A 304 -1.73 4.06 21.46
CA ALA A 304 -1.12 5.39 21.54
C ALA A 304 -0.67 5.92 20.18
N LEU A 305 -0.07 5.04 19.37
CA LEU A 305 0.43 5.42 18.06
C LEU A 305 -0.69 5.69 17.05
N LEU A 306 -1.73 4.87 17.09
CA LEU A 306 -2.83 4.98 16.12
C LEU A 306 -3.79 6.11 16.52
N CYS A 307 -3.33 7.35 16.34
CA CYS A 307 -4.08 8.54 16.74
C CYS A 307 -4.04 9.62 15.67
N GLU A 308 -4.83 10.67 15.89
CA GLU A 308 -4.88 11.81 14.96
C GLU A 308 -3.49 12.33 14.63
N HIS A 309 -2.64 12.45 15.65
CA HIS A 309 -1.25 12.91 15.43
C HIS A 309 -0.54 12.15 14.32
N LEU A 310 -0.61 10.82 14.36
CA LEU A 310 0.04 9.99 13.35
C LEU A 310 -0.60 10.18 11.96
N PHE A 311 -1.92 10.13 11.92
CA PHE A 311 -2.65 10.19 10.65
C PHE A 311 -2.52 11.55 9.97
N THR A 312 -2.32 12.60 10.77
CA THR A 312 -2.04 13.95 10.26
C THR A 312 -0.59 14.11 9.81
N LEU A 313 0.35 13.70 10.67
CA LEU A 313 1.77 13.82 10.35
C LEU A 313 2.18 12.98 9.13
N ASP A 314 1.53 11.84 8.95
CA ASP A 314 1.74 11.00 7.77
C ASP A 314 0.40 10.57 7.15
N PRO A 315 -0.11 11.39 6.20
CA PRO A 315 -1.34 11.12 5.46
C PRO A 315 -1.35 9.79 4.68
N THR A 316 -0.18 9.24 4.37
CA THR A 316 -0.07 7.98 3.61
C THR A 316 -0.43 6.75 4.45
N VAL A 317 -0.50 6.90 5.77
CA VAL A 317 -0.94 5.83 6.66
C VAL A 317 -2.46 5.85 6.73
N PRO A 318 -3.10 4.70 6.45
CA PRO A 318 -4.57 4.64 6.55
C PRO A 318 -5.01 4.87 7.99
N PRO A 319 -5.96 5.81 8.21
CA PRO A 319 -6.45 6.20 9.53
C PRO A 319 -7.30 5.13 10.19
N LEU A 320 -6.68 3.99 10.50
CA LEU A 320 -7.35 2.87 11.15
C LEU A 320 -7.11 2.94 12.65
N PRO A 321 -8.16 3.31 13.42
CA PRO A 321 -7.97 3.39 14.88
C PRO A 321 -7.87 2.00 15.51
N PHE A 322 -7.26 1.92 16.70
CA PHE A 322 -7.16 0.67 17.44
C PHE A 322 -8.56 0.21 17.83
N ARG A 323 -8.92 -1.00 17.43
CA ARG A 323 -10.24 -1.55 17.69
C ARG A 323 -10.24 -2.34 19.00
N GLU A 324 -10.63 -1.66 20.07
CA GLU A 324 -10.58 -2.20 21.42
C GLU A 324 -11.40 -3.49 21.57
N GLU A 325 -12.60 -3.51 20.98
CA GLU A 325 -13.50 -4.65 21.12
C GLU A 325 -12.96 -5.96 20.53
N VAL A 326 -12.23 -5.85 19.42
CA VAL A 326 -11.54 -7.00 18.81
C VAL A 326 -10.42 -7.51 19.74
N TYR A 327 -9.59 -6.59 20.24
CA TYR A 327 -8.50 -6.95 21.15
C TYR A 327 -8.99 -7.63 22.44
N ARG A 328 -10.13 -7.14 22.95
CA ARG A 328 -10.66 -7.57 24.25
C ARG A 328 -11.57 -8.81 24.16
N SER A 329 -11.89 -9.23 22.94
CA SER A 329 -12.78 -10.38 22.69
C SER A 329 -12.34 -11.66 23.40
N SER A 330 -13.32 -12.43 23.87
CA SER A 330 -13.03 -13.69 24.56
C SER A 330 -13.68 -14.88 23.85
N ARG A 331 -14.16 -14.65 22.63
CA ARG A 331 -14.74 -15.71 21.81
C ARG A 331 -13.72 -16.78 21.49
N PRO A 332 -14.17 -18.06 21.38
CA PRO A 332 -13.29 -19.13 20.94
C PRO A 332 -12.75 -18.85 19.54
N LEU A 333 -11.51 -19.24 19.28
CA LEU A 333 -10.86 -19.02 18.00
C LEU A 333 -10.70 -20.31 17.21
N ARG A 334 -10.76 -20.19 15.90
CA ARG A 334 -10.31 -21.25 15.01
C ARG A 334 -8.84 -20.98 14.68
N VAL A 335 -7.98 -21.79 15.28
CA VAL A 335 -6.54 -21.57 15.23
C VAL A 335 -5.87 -22.56 14.29
N GLY A 336 -5.32 -22.07 13.19
CA GLY A 336 -4.47 -22.90 12.33
C GLY A 336 -3.13 -23.10 13.00
N TYR A 337 -2.46 -24.22 12.75
CA TYR A 337 -1.13 -24.47 13.34
C TYR A 337 -0.26 -25.42 12.54
N TYR A 338 1.05 -25.24 12.66
CA TYR A 338 2.02 -26.22 12.17
C TYR A 338 3.21 -26.36 13.12
N GLU A 339 3.75 -27.59 13.18
CA GLU A 339 4.85 -27.93 14.07
C GLU A 339 6.20 -27.69 13.39
N THR A 340 6.18 -27.65 12.06
CA THR A 340 7.36 -27.44 11.24
C THR A 340 6.92 -26.87 9.89
N ASP A 341 7.79 -26.07 9.28
CA ASP A 341 7.52 -25.52 7.95
C ASP A 341 8.10 -26.38 6.83
N ASN A 342 8.66 -27.53 7.21
CA ASN A 342 9.29 -28.45 6.26
C ASN A 342 10.48 -27.84 5.50
N TYR A 343 10.95 -26.70 5.99
CA TYR A 343 12.08 -26.00 5.40
C TYR A 343 13.22 -25.89 6.41
N THR A 344 12.94 -25.28 7.55
CA THR A 344 13.88 -25.25 8.67
C THR A 344 13.39 -26.21 9.75
N MET A 345 14.19 -27.24 9.99
CA MET A 345 13.91 -28.20 11.05
C MET A 345 13.85 -27.51 12.40
N PRO A 346 12.70 -27.61 13.10
CA PRO A 346 12.58 -27.01 14.42
C PRO A 346 13.50 -27.70 15.41
N SER A 347 14.12 -26.93 16.31
CA SER A 347 14.82 -27.53 17.43
C SER A 347 13.79 -28.29 18.30
N PRO A 348 14.26 -29.23 19.13
CA PRO A 348 13.35 -29.94 20.04
C PRO A 348 12.55 -29.00 20.96
N ALA A 349 13.17 -27.91 21.40
CA ALA A 349 12.50 -26.90 22.22
C ALA A 349 11.41 -26.13 21.46
N MET A 350 11.70 -25.77 20.20
CA MET A 350 10.73 -25.09 19.33
C MET A 350 9.49 -25.94 19.14
N ARG A 351 9.72 -27.20 18.80
CA ARG A 351 8.66 -28.18 18.53
C ARG A 351 7.79 -28.42 19.76
N ARG A 352 8.45 -28.56 20.92
CA ARG A 352 7.75 -28.76 22.18
C ARG A 352 6.89 -27.54 22.54
N ALA A 353 7.49 -26.35 22.40
CA ALA A 353 6.78 -25.11 22.69
C ALA A 353 5.51 -24.99 21.88
N LEU A 354 5.60 -25.35 20.59
CA LEU A 354 4.44 -25.28 19.69
C LEU A 354 3.35 -26.27 20.11
N ILE A 355 3.73 -27.52 20.33
CA ILE A 355 2.80 -28.57 20.71
C ILE A 355 2.12 -28.24 22.05
N GLU A 356 2.91 -27.82 23.03
CA GLU A 356 2.36 -27.45 24.34
C GLU A 356 1.32 -26.33 24.25
N THR A 357 1.63 -25.23 23.55
CA THR A 357 0.65 -24.16 23.42
C THR A 357 -0.59 -24.59 22.62
N LYS A 358 -0.39 -25.45 21.61
CA LYS A 358 -1.50 -26.01 20.86
C LYS A 358 -2.45 -26.77 21.80
N GLN A 359 -1.88 -27.62 22.65
CA GLN A 359 -2.65 -28.41 23.62
C GLN A 359 -3.37 -27.54 24.66
N ARG A 360 -2.70 -26.50 25.14
CA ARG A 360 -3.33 -25.59 26.11
C ARG A 360 -4.44 -24.75 25.51
N LEU A 361 -4.28 -24.37 24.24
CA LEU A 361 -5.35 -23.68 23.50
C LEU A 361 -6.55 -24.57 23.28
N GLU A 362 -6.31 -25.85 22.94
CA GLU A 362 -7.39 -26.84 22.85
C GLU A 362 -8.14 -27.03 24.17
N ALA A 363 -7.40 -27.09 25.28
CA ALA A 363 -8.00 -27.24 26.61
C ALA A 363 -8.80 -26.02 27.03
N ALA A 364 -8.43 -24.85 26.52
CA ALA A 364 -9.15 -23.61 26.81
C ALA A 364 -10.36 -23.37 25.90
N GLY A 365 -10.67 -24.34 25.05
CA GLY A 365 -11.89 -24.29 24.24
C GLY A 365 -11.76 -23.84 22.79
N HIS A 366 -10.54 -23.57 22.36
CA HIS A 366 -10.29 -23.21 20.95
C HIS A 366 -10.14 -24.44 20.07
N THR A 367 -10.45 -24.29 18.79
CA THR A 367 -10.31 -25.41 17.85
C THR A 367 -9.04 -25.26 17.02
N LEU A 368 -8.18 -26.27 17.11
CA LEU A 368 -6.87 -26.26 16.46
C LEU A 368 -6.91 -27.07 15.17
N ILE A 369 -6.49 -26.43 14.09
CA ILE A 369 -6.60 -26.98 12.75
C ILE A 369 -5.23 -27.06 12.09
N PRO A 370 -4.78 -28.28 11.72
CA PRO A 370 -3.50 -28.34 10.98
C PRO A 370 -3.56 -27.50 9.71
N PHE A 371 -2.57 -26.63 9.54
CA PHE A 371 -2.54 -25.69 8.42
C PHE A 371 -1.09 -25.31 8.13
N LEU A 372 -0.70 -25.41 6.88
CA LEU A 372 0.61 -24.97 6.45
C LEU A 372 0.46 -24.21 5.14
N PRO A 373 0.85 -22.91 5.15
CA PRO A 373 0.80 -22.11 3.93
C PRO A 373 1.48 -22.84 2.79
N ASN A 374 0.84 -22.84 1.63
CA ASN A 374 1.35 -23.55 0.47
C ASN A 374 2.61 -22.89 -0.07
N ASN A 375 3.45 -23.68 -0.72
CA ASN A 375 4.60 -23.18 -1.47
C ASN A 375 5.57 -22.26 -0.74
N ILE A 376 5.89 -22.65 0.49
CA ILE A 376 6.84 -21.92 1.31
C ILE A 376 8.23 -21.77 0.68
N PRO A 377 8.79 -22.85 0.08
CA PRO A 377 10.12 -22.66 -0.53
C PRO A 377 10.15 -21.55 -1.58
N TYR A 378 9.07 -21.44 -2.35
CA TYR A 378 8.89 -20.39 -3.36
C TYR A 378 8.81 -19.00 -2.71
N ALA A 379 7.99 -18.88 -1.68
CA ALA A 379 7.85 -17.62 -0.95
C ALA A 379 9.19 -17.11 -0.41
N LEU A 380 10.04 -18.03 0.05
CA LEU A 380 11.35 -17.67 0.61
C LEU A 380 12.40 -17.46 -0.47
N GLU A 381 12.60 -18.48 -1.30
CA GLU A 381 13.72 -18.51 -2.24
C GLU A 381 13.57 -17.58 -3.43
N VAL A 382 12.36 -17.48 -3.99
CA VAL A 382 12.17 -16.60 -5.15
C VAL A 382 11.46 -15.26 -4.85
N LEU A 383 10.40 -15.29 -4.04
CA LEU A 383 9.66 -14.06 -3.72
C LEU A 383 10.40 -13.17 -2.73
N SER A 384 10.70 -13.69 -1.54
CA SER A 384 11.37 -12.89 -0.51
C SER A 384 12.77 -12.49 -0.92
N ALA A 385 13.61 -13.48 -1.25
CA ALA A 385 15.00 -13.22 -1.64
C ALA A 385 15.07 -12.35 -2.89
N GLY A 386 14.23 -12.67 -3.89
CA GLY A 386 14.18 -11.92 -5.13
C GLY A 386 13.68 -10.50 -4.93
N GLY A 387 12.72 -10.33 -4.03
CA GLY A 387 12.17 -9.01 -3.71
C GLY A 387 13.15 -8.12 -2.95
N LEU A 388 13.97 -8.74 -2.10
CA LEU A 388 14.95 -8.00 -1.31
C LEU A 388 16.23 -7.66 -2.09
N PHE A 389 16.56 -8.46 -3.10
CA PHE A 389 17.79 -8.27 -3.87
C PHE A 389 17.54 -8.17 -5.37
N SER A 390 16.44 -7.54 -5.74
CA SER A 390 16.05 -7.43 -7.15
C SER A 390 17.14 -6.83 -8.03
N ASP A 391 17.94 -5.93 -7.44
CA ASP A 391 19.01 -5.25 -8.15
C ASP A 391 20.37 -5.92 -7.97
N GLY A 392 20.35 -7.16 -7.47
CA GLY A 392 21.56 -7.93 -7.24
C GLY A 392 22.34 -7.46 -6.03
N GLY A 393 21.72 -6.62 -5.20
CA GLY A 393 22.36 -6.07 -4.02
C GLY A 393 23.25 -4.87 -4.29
N ARG A 394 23.15 -4.31 -5.50
CA ARG A 394 24.01 -3.19 -5.89
C ARG A 394 23.83 -1.94 -5.03
N SER A 395 22.57 -1.56 -4.79
CA SER A 395 22.24 -0.39 -3.95
C SER A 395 22.75 -0.61 -2.53
N PHE A 396 22.59 -1.84 -2.06
CA PHE A 396 23.04 -2.23 -0.73
C PHE A 396 24.56 -2.15 -0.58
N LEU A 397 25.30 -2.59 -1.59
CA LEU A 397 26.76 -2.64 -1.58
C LEU A 397 27.42 -1.27 -1.59
N GLN A 398 26.70 -0.27 -2.09
CA GLN A 398 27.14 1.13 -2.08
C GLN A 398 27.47 1.62 -0.66
N ASN A 399 26.71 1.13 0.32
CA ASN A 399 26.90 1.51 1.72
C ASN A 399 28.21 0.99 2.33
N PHE A 400 28.84 0.03 1.64
CA PHE A 400 30.03 -0.64 2.16
C PHE A 400 31.35 -0.20 1.53
N LYS A 401 31.29 0.69 0.53
CA LYS A 401 32.51 1.22 -0.09
C LYS A 401 33.33 2.02 0.92
N GLY A 402 34.54 1.51 1.21
CA GLY A 402 35.42 2.11 2.21
C GLY A 402 35.20 1.61 3.62
N ASP A 403 34.24 0.71 3.82
CA ASP A 403 33.87 0.28 5.18
C ASP A 403 34.35 -1.13 5.48
N PHE A 404 34.54 -1.41 6.76
CA PHE A 404 34.74 -2.77 7.24
C PHE A 404 33.44 -3.55 7.04
N VAL A 405 33.57 -4.86 6.83
CA VAL A 405 32.42 -5.75 6.83
C VAL A 405 32.44 -6.52 8.13
N ASP A 406 31.43 -6.29 8.98
CA ASP A 406 31.32 -6.99 10.27
C ASP A 406 31.21 -8.50 10.06
N PRO A 407 31.98 -9.30 10.82
CA PRO A 407 31.94 -10.75 10.70
C PRO A 407 30.54 -11.37 10.85
N CYS A 408 29.62 -10.69 11.55
CA CYS A 408 28.27 -11.23 11.78
C CYS A 408 27.40 -11.26 10.52
N LEU A 409 27.83 -10.52 9.49
CA LEU A 409 27.19 -10.58 8.18
C LEU A 409 27.60 -11.82 7.39
N GLY A 410 28.61 -12.55 7.89
CA GLY A 410 29.16 -13.72 7.19
C GLY A 410 29.61 -13.40 5.78
N ASP A 411 29.11 -14.17 4.81
CA ASP A 411 29.54 -14.06 3.42
C ASP A 411 28.58 -13.27 2.50
N LEU A 412 27.61 -12.59 3.10
CA LEU A 412 26.61 -11.83 2.32
C LEU A 412 27.21 -10.81 1.36
N ILE A 413 28.21 -10.06 1.83
CA ILE A 413 28.84 -9.01 1.03
C ILE A 413 29.65 -9.63 -0.10
N LEU A 414 30.43 -10.65 0.24
CA LEU A 414 31.21 -11.44 -0.71
C LEU A 414 30.32 -12.01 -1.83
N ILE A 415 29.17 -12.55 -1.44
CA ILE A 415 28.25 -13.17 -2.39
C ILE A 415 27.60 -12.16 -3.33
N LEU A 416 27.09 -11.07 -2.77
CA LEU A 416 26.42 -10.02 -3.54
C LEU A 416 27.37 -9.31 -4.51
N ARG A 417 28.66 -9.26 -4.16
CA ARG A 417 29.67 -8.64 -5.01
C ARG A 417 29.98 -9.42 -6.28
N LEU A 418 29.71 -10.73 -6.26
CA LEU A 418 30.00 -11.60 -7.41
C LEU A 418 29.24 -11.19 -8.65
N PRO A 419 29.89 -11.25 -9.83
CA PRO A 419 29.20 -10.93 -11.09
C PRO A 419 27.98 -11.82 -11.31
N SER A 420 26.99 -11.29 -12.02
CA SER A 420 25.74 -12.00 -12.24
C SER A 420 25.91 -13.33 -12.96
N TRP A 421 26.84 -13.38 -13.91
CA TRP A 421 27.09 -14.62 -14.67
C TRP A 421 27.66 -15.70 -13.75
N PHE A 422 28.47 -15.29 -12.78
CA PHE A 422 29.10 -16.22 -11.85
C PHE A 422 28.12 -16.74 -10.80
N LYS A 423 27.22 -15.87 -10.33
CA LYS A 423 26.11 -16.28 -9.47
C LYS A 423 25.27 -17.36 -10.14
N ARG A 424 24.98 -17.14 -11.43
CA ARG A 424 24.21 -18.09 -12.23
C ARG A 424 24.94 -19.43 -12.38
N LEU A 425 26.25 -19.37 -12.69
CA LEU A 425 27.05 -20.57 -12.88
C LEU A 425 27.13 -21.42 -11.62
N LEU A 426 27.46 -20.80 -10.49
CA LEU A 426 27.49 -21.51 -9.20
C LEU A 426 26.13 -22.09 -8.85
N SER A 427 25.07 -21.33 -9.13
CA SER A 427 23.70 -21.77 -8.88
C SER A 427 23.41 -23.08 -9.62
N LEU A 428 23.83 -23.15 -10.88
CA LEU A 428 23.64 -24.34 -11.71
C LEU A 428 24.36 -25.57 -11.15
N LEU A 429 25.61 -25.38 -10.75
CA LEU A 429 26.42 -26.42 -10.12
C LEU A 429 25.86 -26.86 -8.76
N LEU A 430 25.41 -25.89 -7.97
CA LEU A 430 24.87 -26.15 -6.61
C LEU A 430 23.51 -26.83 -6.61
N LYS A 431 22.76 -26.70 -7.71
CA LYS A 431 21.36 -27.12 -7.75
C LYS A 431 21.04 -28.59 -7.46
N PRO A 432 21.76 -29.54 -8.09
CA PRO A 432 21.42 -30.95 -7.84
C PRO A 432 21.55 -31.38 -6.37
N LEU A 433 22.63 -30.98 -5.71
CA LEU A 433 22.88 -31.40 -4.32
C LEU A 433 22.38 -30.42 -3.25
N PHE A 434 22.48 -29.12 -3.52
CA PHE A 434 22.10 -28.09 -2.56
C PHE A 434 21.09 -27.10 -3.16
N PRO A 435 19.83 -27.54 -3.35
CA PRO A 435 18.80 -26.70 -3.98
C PRO A 435 18.51 -25.37 -3.27
N ARG A 436 18.57 -25.34 -1.95
CA ARG A 436 18.34 -24.11 -1.18
C ARG A 436 19.37 -23.02 -1.50
N LEU A 437 20.64 -23.42 -1.49
CA LEU A 437 21.76 -22.52 -1.77
C LEU A 437 21.70 -21.99 -3.20
N ALA A 438 21.33 -22.87 -4.12
CA ALA A 438 21.27 -22.54 -5.54
C ALA A 438 20.14 -21.54 -5.85
N ALA A 439 18.98 -21.75 -5.21
CA ALA A 439 17.81 -20.90 -5.42
C ALA A 439 17.98 -19.50 -4.83
N PHE A 440 18.52 -19.42 -3.63
CA PHE A 440 18.84 -18.13 -3.01
C PHE A 440 19.87 -17.36 -3.84
N LEU A 441 20.92 -18.05 -4.31
CA LEU A 441 21.97 -17.42 -5.10
C LEU A 441 21.44 -16.88 -6.44
N ASN A 442 20.61 -17.67 -7.12
CA ASN A 442 20.00 -17.22 -8.37
C ASN A 442 19.09 -16.00 -8.16
N SER A 443 18.34 -15.97 -7.07
CA SER A 443 17.43 -14.87 -6.77
C SER A 443 18.13 -13.60 -6.27
N MET A 444 19.45 -13.68 -6.07
CA MET A 444 20.23 -12.52 -5.66
C MET A 444 21.00 -11.91 -6.85
N ARG A 445 20.53 -12.21 -8.05
CA ARG A 445 21.06 -11.62 -9.27
C ARG A 445 20.24 -10.39 -9.67
N PRO A 446 20.86 -9.42 -10.37
CA PRO A 446 20.11 -8.23 -10.78
C PRO A 446 19.14 -8.58 -11.92
N ARG A 447 18.02 -7.86 -12.00
CA ARG A 447 17.08 -8.07 -13.09
C ARG A 447 16.57 -6.76 -13.69
N SER A 448 15.79 -6.88 -14.76
CA SER A 448 15.17 -5.72 -15.40
C SER A 448 13.93 -5.27 -14.62
N ALA A 449 13.47 -4.05 -14.91
CA ALA A 449 12.19 -3.55 -14.39
C ALA A 449 11.04 -4.45 -14.80
N GLU A 450 11.12 -4.97 -16.03
CA GLU A 450 10.15 -5.92 -16.57
C GLU A 450 9.98 -7.14 -15.67
N LYS A 451 11.11 -7.71 -15.26
CA LYS A 451 11.10 -8.88 -14.38
C LYS A 451 10.71 -8.55 -12.95
N LEU A 452 10.93 -7.32 -12.52
CA LEU A 452 10.47 -6.87 -11.19
C LEU A 452 8.95 -6.74 -11.17
N TRP A 453 8.38 -6.20 -12.25
CA TRP A 453 6.91 -6.15 -12.41
C TRP A 453 6.33 -7.55 -12.27
N LYS A 454 6.92 -8.49 -13.01
CA LYS A 454 6.51 -9.88 -12.96
C LYS A 454 6.58 -10.43 -11.53
N LEU A 455 7.72 -10.21 -10.86
CA LEU A 455 7.90 -10.64 -9.47
C LEU A 455 6.88 -10.02 -8.50
N GLN A 456 6.62 -8.72 -8.66
CA GLN A 456 5.67 -8.02 -7.80
CA GLN A 456 5.66 -7.99 -7.83
C GLN A 456 4.25 -8.57 -7.98
N HIS A 457 3.89 -8.90 -9.22
CA HIS A 457 2.61 -9.53 -9.50
C HIS A 457 2.52 -10.90 -8.85
N GLU A 458 3.62 -11.67 -8.91
CA GLU A 458 3.68 -12.99 -8.30
C GLU A 458 3.50 -12.95 -6.76
N ILE A 459 4.02 -11.89 -6.13
CA ILE A 459 3.87 -11.68 -4.68
C ILE A 459 2.41 -11.36 -4.33
N GLU A 460 1.78 -10.53 -5.15
CA GLU A 460 0.36 -10.20 -5.00
C GLU A 460 -0.50 -11.46 -5.12
N MET A 461 -0.19 -12.29 -6.12
CA MET A 461 -0.94 -13.53 -6.38
CA MET A 461 -0.97 -13.50 -6.35
C MET A 461 -0.72 -14.58 -5.28
N TYR A 462 0.52 -14.66 -4.78
CA TYR A 462 0.82 -15.60 -3.69
C TYR A 462 0.08 -15.19 -2.43
N ARG A 463 -0.02 -13.89 -2.19
CA ARG A 463 -0.73 -13.35 -1.04
C ARG A 463 -2.21 -13.73 -1.09
N GLN A 464 -2.81 -13.61 -2.27
CA GLN A 464 -4.20 -14.01 -2.47
C GLN A 464 -4.38 -15.53 -2.35
N SER A 465 -3.38 -16.29 -2.80
CA SER A 465 -3.38 -17.74 -2.64
C SER A 465 -3.47 -18.20 -1.19
N VAL A 466 -2.56 -17.72 -0.34
CA VAL A 466 -2.55 -18.09 1.07
C VAL A 466 -3.81 -17.60 1.82
N ILE A 467 -4.33 -16.43 1.40
CA ILE A 467 -5.60 -15.91 1.92
C ILE A 467 -6.78 -16.84 1.59
N ALA A 468 -6.82 -17.35 0.36
CA ALA A 468 -7.86 -18.29 -0.05
C ALA A 468 -7.74 -19.63 0.69
N GLN A 469 -6.51 -20.08 0.91
CA GLN A 469 -6.24 -21.29 1.67
C GLN A 469 -6.75 -21.12 3.12
N TRP A 470 -6.46 -19.96 3.69
CA TRP A 470 -6.84 -19.59 5.06
C TRP A 470 -8.37 -19.56 5.20
N LYS A 471 -9.03 -18.88 4.27
CA LYS A 471 -10.48 -18.73 4.29
C LYS A 471 -11.20 -20.05 4.05
N ALA A 472 -10.62 -20.93 3.23
CA ALA A 472 -11.20 -22.24 2.95
C ALA A 472 -11.18 -23.16 4.18
N MET A 473 -10.24 -22.91 5.09
CA MET A 473 -10.21 -23.60 6.38
C MET A 473 -10.94 -22.81 7.46
N ASN A 474 -11.38 -21.60 7.12
CA ASN A 474 -12.15 -20.75 8.01
C ASN A 474 -11.39 -20.43 9.30
N LEU A 475 -10.10 -20.13 9.16
CA LEU A 475 -9.25 -19.75 10.28
C LEU A 475 -9.54 -18.33 10.77
N ASP A 476 -9.31 -18.10 12.07
CA ASP A 476 -9.24 -16.75 12.62
C ASP A 476 -7.79 -16.30 12.68
N VAL A 477 -6.92 -17.19 13.17
CA VAL A 477 -5.51 -16.90 13.40
C VAL A 477 -4.67 -18.14 13.10
N LEU A 478 -3.35 -17.98 13.11
CA LEU A 478 -2.43 -19.05 12.78
C LEU A 478 -1.27 -19.12 13.78
N LEU A 479 -1.03 -20.33 14.29
CA LEU A 479 0.02 -20.58 15.27
C LEU A 479 1.21 -21.25 14.60
N THR A 480 2.41 -20.72 14.81
CA THR A 480 3.59 -21.26 14.14
C THR A 480 4.77 -21.35 15.09
N PRO A 481 5.72 -22.24 14.81
CA PRO A 481 6.97 -22.21 15.56
C PRO A 481 7.66 -20.87 15.38
N MET A 482 8.47 -20.47 16.37
CA MET A 482 9.34 -19.33 16.22
C MET A 482 10.77 -19.78 16.46
N LEU A 483 11.68 -19.37 15.58
CA LEU A 483 13.06 -19.83 15.62
C LEU A 483 13.68 -19.55 17.00
N GLY A 484 14.17 -20.62 17.62
CA GLY A 484 14.75 -20.58 18.96
C GLY A 484 15.33 -21.93 19.35
N PRO A 485 16.15 -21.96 20.40
CA PRO A 485 16.59 -20.81 21.21
C PRO A 485 17.70 -20.00 20.52
N ALA A 486 18.15 -18.95 21.19
CA ALA A 486 19.14 -18.04 20.63
C ALA A 486 20.36 -18.77 20.08
N LEU A 487 20.75 -18.37 18.87
CA LEU A 487 21.94 -18.92 18.22
C LEU A 487 23.18 -18.32 18.86
N ASP A 488 24.29 -19.05 18.78
CA ASP A 488 25.59 -18.51 19.19
C ASP A 488 25.88 -17.26 18.38
N LEU A 489 26.65 -16.34 18.98
CA LEU A 489 27.17 -15.17 18.28
C LEU A 489 27.85 -15.56 16.97
N ASN A 490 27.69 -14.70 15.96
CA ASN A 490 28.33 -14.86 14.65
C ASN A 490 27.88 -16.07 13.81
N THR A 491 26.78 -16.71 14.22
CA THR A 491 26.20 -17.83 13.46
C THR A 491 24.95 -17.49 12.63
N PRO A 492 24.11 -16.51 13.07
CA PRO A 492 22.94 -16.17 12.24
C PRO A 492 23.29 -15.85 10.78
N GLY A 493 24.42 -15.17 10.56
CA GLY A 493 24.87 -14.82 9.20
C GLY A 493 25.32 -16.03 8.39
N ARG A 494 25.38 -17.18 9.05
CA ARG A 494 25.80 -18.42 8.40
C ARG A 494 24.70 -19.49 8.45
N ALA A 495 23.50 -19.06 8.83
CA ALA A 495 22.33 -19.94 8.93
C ALA A 495 21.09 -19.27 8.32
N THR A 496 21.24 -18.79 7.09
CA THR A 496 20.20 -18.00 6.41
C THR A 496 18.85 -18.74 6.29
N GLY A 497 18.90 -20.05 6.04
CA GLY A 497 17.69 -20.87 5.96
C GLY A 497 16.73 -20.66 7.12
N ALA A 498 17.28 -20.32 8.29
CA ALA A 498 16.52 -20.17 9.53
C ALA A 498 15.54 -18.99 9.57
N ILE A 499 15.59 -18.13 8.54
CA ILE A 499 14.66 -17.00 8.47
C ILE A 499 13.28 -17.43 7.94
N SER A 500 13.15 -18.70 7.61
CA SER A 500 11.95 -19.22 6.97
C SER A 500 10.66 -19.02 7.80
N TYR A 501 10.77 -19.13 9.12
CA TYR A 501 9.60 -18.99 9.99
C TYR A 501 9.06 -17.57 10.05
N THR A 502 9.94 -16.58 9.85
CA THR A 502 9.56 -15.18 9.98
C THR A 502 9.30 -14.46 8.65
N VAL A 503 10.26 -14.55 7.73
CA VAL A 503 10.19 -13.78 6.47
C VAL A 503 8.97 -14.13 5.62
N LEU A 504 8.47 -15.34 5.78
CA LEU A 504 7.24 -15.76 5.11
C LEU A 504 6.14 -14.72 5.29
N TYR A 505 6.08 -14.12 6.48
CA TYR A 505 5.00 -13.18 6.82
C TYR A 505 5.31 -11.72 6.50
N ASN A 506 6.57 -11.42 6.21
CA ASN A 506 6.94 -10.15 5.58
C ASN A 506 6.53 -10.15 4.11
N CYS A 507 6.83 -11.26 3.45
CA CYS A 507 6.43 -11.51 2.07
C CYS A 507 4.91 -11.42 1.93
N LEU A 508 4.19 -12.10 2.81
CA LEU A 508 2.72 -12.09 2.81
C LEU A 508 2.14 -10.79 3.37
N ASP A 509 2.97 -10.05 4.10
CA ASP A 509 2.58 -8.82 4.79
C ASP A 509 1.35 -9.07 5.68
N PHE A 510 1.49 -10.07 6.55
CA PHE A 510 0.51 -10.39 7.59
C PHE A 510 1.05 -9.91 8.94
N PRO A 511 0.18 -9.33 9.80
CA PRO A 511 0.63 -9.07 11.17
C PRO A 511 1.09 -10.37 11.85
N ALA A 512 2.27 -10.31 12.47
CA ALA A 512 2.85 -11.47 13.13
C ALA A 512 3.52 -11.03 14.41
N GLY A 513 3.24 -11.76 15.47
CA GLY A 513 3.75 -11.42 16.78
C GLY A 513 4.33 -12.61 17.50
N VAL A 514 5.13 -12.34 18.53
CA VAL A 514 5.91 -13.38 19.17
C VAL A 514 5.78 -13.28 20.70
N VAL A 515 5.61 -14.44 21.35
CA VAL A 515 5.45 -14.49 22.80
C VAL A 515 6.24 -15.66 23.40
N PRO A 516 7.03 -15.39 24.46
CA PRO A 516 7.77 -16.46 25.15
C PRO A 516 6.81 -17.43 25.82
N VAL A 517 7.04 -18.73 25.68
CA VAL A 517 6.13 -19.74 26.24
C VAL A 517 6.82 -20.78 27.13
N THR A 518 8.08 -21.06 26.88
CA THR A 518 8.82 -22.08 27.63
C THR A 518 10.32 -21.75 27.72
N THR A 519 11.08 -22.62 28.37
CA THR A 519 12.54 -22.52 28.38
C THR A 519 13.14 -23.85 27.95
N VAL A 520 14.36 -23.80 27.41
CA VAL A 520 15.08 -25.00 26.98
C VAL A 520 15.46 -25.86 28.18
N THR A 521 15.01 -27.11 28.17
CA THR A 521 15.37 -28.10 29.20
C THR A 521 16.65 -28.83 28.80
N ALA A 522 17.24 -29.57 29.75
CA ALA A 522 18.40 -30.42 29.47
C ALA A 522 18.08 -31.47 28.41
N GLU A 523 16.88 -32.05 28.50
CA GLU A 523 16.37 -33.00 27.52
C GLU A 523 16.25 -32.37 26.13
N ASP A 524 15.65 -31.17 26.04
CA ASP A 524 15.56 -30.42 24.78
C ASP A 524 16.94 -30.26 24.16
N ASP A 525 17.89 -29.83 24.98
CA ASP A 525 19.23 -29.51 24.50
C ASP A 525 20.01 -30.76 24.08
N ALA A 526 19.90 -31.84 24.86
CA ALA A 526 20.54 -33.11 24.53
C ALA A 526 20.06 -33.68 23.19
N GLN A 527 18.78 -33.46 22.87
CA GLN A 527 18.20 -33.95 21.61
C GLN A 527 18.74 -33.24 20.35
N MET A 528 19.49 -32.15 20.55
CA MET A 528 20.16 -31.47 19.45
C MET A 528 21.24 -32.35 18.80
N GLU A 529 21.76 -33.30 19.56
CA GLU A 529 22.69 -34.31 19.03
C GLU A 529 22.07 -35.16 17.92
N LEU A 530 20.74 -35.30 17.94
CA LEU A 530 20.00 -36.06 16.93
C LEU A 530 19.49 -35.20 15.77
N TYR A 531 19.66 -33.88 15.89
CA TYR A 531 19.19 -32.91 14.90
C TYR A 531 19.91 -33.06 13.57
N LYS A 532 19.14 -33.19 12.49
CA LYS A 532 19.70 -33.40 11.15
C LYS A 532 19.45 -32.22 10.21
N GLY A 533 18.22 -31.73 10.19
CA GLY A 533 17.80 -30.74 9.18
C GLY A 533 17.26 -31.46 7.97
N TYR A 534 16.48 -30.76 7.15
CA TYR A 534 15.81 -31.38 6.01
C TYR A 534 16.68 -31.42 4.75
N PHE A 535 17.76 -30.64 4.74
CA PHE A 535 18.59 -30.48 3.54
C PHE A 535 20.04 -30.94 3.72
N GLY A 536 20.54 -30.87 4.95
CA GLY A 536 21.91 -31.26 5.25
C GLY A 536 22.96 -30.38 4.59
N ASP A 537 22.55 -29.19 4.17
CA ASP A 537 23.49 -28.23 3.60
C ASP A 537 24.19 -27.45 4.71
N ILE A 538 25.11 -26.55 4.32
CA ILE A 538 25.89 -25.77 5.27
C ILE A 538 25.03 -25.01 6.30
N TRP A 539 23.83 -24.59 5.89
CA TRP A 539 22.93 -23.87 6.77
C TRP A 539 22.38 -24.75 7.89
N ASP A 540 22.02 -25.99 7.54
CA ASP A 540 21.57 -26.96 8.52
C ASP A 540 22.69 -27.32 9.50
N ILE A 541 23.91 -27.44 9.00
CA ILE A 541 25.08 -27.81 9.82
C ILE A 541 25.39 -26.74 10.87
N ILE A 542 25.44 -25.48 10.43
CA ILE A 542 25.67 -24.35 11.32
C ILE A 542 24.61 -24.32 12.43
N LEU A 543 23.34 -24.45 12.03
CA LEU A 543 22.21 -24.33 12.94
C LEU A 543 22.19 -25.41 14.02
N LYS A 544 22.61 -26.62 13.66
CA LYS A 544 22.71 -27.73 14.62
C LYS A 544 23.66 -27.37 15.77
N LYS A 545 24.83 -26.83 15.43
CA LYS A 545 25.80 -26.41 16.43
C LYS A 545 25.35 -25.15 17.16
N ALA A 546 24.76 -24.22 16.40
CA ALA A 546 24.39 -22.90 16.91
C ALA A 546 23.29 -22.91 17.99
N MET A 547 22.41 -23.90 17.95
CA MET A 547 21.31 -23.99 18.92
C MET A 547 21.64 -24.82 20.17
N LYS A 548 22.79 -25.50 20.15
CA LYS A 548 23.28 -26.27 21.31
C LYS A 548 23.65 -25.36 22.48
N ASN A 549 23.94 -25.97 23.63
CA ASN A 549 24.34 -25.27 24.85
CA ASN A 549 24.34 -25.26 24.83
C ASN A 549 23.37 -24.13 25.19
N SER A 550 22.08 -24.45 25.24
CA SER A 550 21.06 -23.43 25.44
C SER A 550 20.13 -23.68 26.64
N VAL A 551 20.48 -24.61 27.51
CA VAL A 551 19.62 -24.92 28.66
C VAL A 551 19.27 -23.64 29.41
N GLY A 552 17.97 -23.43 29.64
CA GLY A 552 17.49 -22.27 30.41
C GLY A 552 17.04 -21.07 29.59
N LEU A 553 17.39 -21.06 28.30
CA LEU A 553 17.05 -19.94 27.42
C LEU A 553 15.56 -19.96 27.02
N PRO A 554 14.96 -18.77 26.81
CA PRO A 554 13.56 -18.68 26.42
C PRO A 554 13.30 -19.18 24.99
N VAL A 555 12.11 -19.72 24.80
CA VAL A 555 11.67 -20.17 23.48
C VAL A 555 10.25 -19.65 23.25
N ALA A 556 10.01 -19.19 22.03
CA ALA A 556 8.76 -18.50 21.71
C ALA A 556 7.89 -19.27 20.73
N VAL A 557 6.67 -18.79 20.57
CA VAL A 557 5.75 -19.27 19.54
C VAL A 557 5.36 -18.01 18.77
N GLN A 558 4.95 -18.16 17.50
CA GLN A 558 4.54 -17.02 16.68
C GLN A 558 3.04 -17.02 16.42
N CYS A 559 2.41 -15.86 16.60
CA CYS A 559 0.99 -15.65 16.33
C CYS A 559 0.81 -14.79 15.10
N VAL A 560 -0.12 -15.20 14.23
CA VAL A 560 -0.34 -14.53 12.94
C VAL A 560 -1.83 -14.30 12.69
N ALA A 561 -2.16 -13.13 12.15
CA ALA A 561 -3.50 -12.83 11.64
C ALA A 561 -3.44 -12.29 10.21
N LEU A 562 -4.60 -12.02 9.61
CA LEU A 562 -4.70 -11.46 8.26
C LEU A 562 -4.29 -9.99 8.23
N PRO A 563 -3.92 -9.47 7.04
CA PRO A 563 -3.55 -8.05 6.94
C PRO A 563 -4.54 -7.10 7.62
N TRP A 564 -4.01 -6.07 8.29
CA TRP A 564 -4.78 -5.05 9.03
C TRP A 564 -5.48 -5.55 10.30
N GLN A 565 -5.27 -6.82 10.66
CA GLN A 565 -5.92 -7.39 11.83
CA GLN A 565 -5.90 -7.44 11.81
C GLN A 565 -4.95 -7.50 13.01
N GLU A 566 -4.29 -6.39 13.32
CA GLU A 566 -3.34 -6.32 14.44
C GLU A 566 -4.00 -6.58 15.79
N GLU A 567 -5.22 -6.08 15.95
CA GLU A 567 -5.98 -6.23 17.20
C GLU A 567 -6.32 -7.68 17.47
N LEU A 568 -6.72 -8.41 16.42
CA LEU A 568 -6.99 -9.84 16.51
C LEU A 568 -5.72 -10.64 16.81
N CYS A 569 -4.62 -10.29 16.14
CA CYS A 569 -3.34 -10.92 16.41
C CYS A 569 -2.90 -10.73 17.88
N LEU A 570 -3.07 -9.52 18.39
CA LEU A 570 -2.83 -9.21 19.80
C LEU A 570 -3.78 -9.96 20.74
N ARG A 571 -5.05 -10.08 20.34
CA ARG A 571 -6.05 -10.86 21.10
C ARG A 571 -5.57 -12.30 21.26
N PHE A 572 -5.01 -12.84 20.18
CA PHE A 572 -4.50 -14.20 20.17
C PHE A 572 -3.22 -14.29 21.00
N MET A 573 -2.32 -13.32 20.83
CA MET A 573 -1.09 -13.24 21.64
C MET A 573 -1.41 -13.15 23.14
N ARG A 574 -2.41 -12.35 23.50
CA ARG A 574 -2.87 -12.23 24.88
C ARG A 574 -3.29 -13.61 25.43
N GLU A 575 -4.06 -14.35 24.63
CA GLU A 575 -4.52 -15.69 25.00
C GLU A 575 -3.36 -16.67 25.25
N VAL A 576 -2.38 -16.66 24.34
CA VAL A 576 -1.21 -17.53 24.47
C VAL A 576 -0.43 -17.21 25.74
N GLU A 577 -0.17 -15.93 25.96
CA GLU A 577 0.50 -15.46 27.16
C GLU A 577 -0.22 -15.90 28.45
N GLN A 578 -1.56 -15.76 28.46
CA GLN A 578 -2.36 -16.09 29.64
C GLN A 578 -2.28 -17.58 29.96
N LEU A 579 -2.27 -18.42 28.93
CA LEU A 579 -2.25 -19.86 29.11
C LEU A 579 -0.86 -20.40 29.43
N MET A 580 0.17 -19.76 28.88
CA MET A 580 1.53 -20.27 29.01
C MET A 580 2.33 -19.61 30.12
N THR A 581 2.03 -18.33 30.39
CA THR A 581 2.71 -17.55 31.42
C THR A 581 1.71 -16.61 32.14
N PRO A 582 0.76 -17.20 32.90
CA PRO A 582 -0.36 -16.44 33.47
C PRO A 582 0.03 -15.29 34.41
N GLN A 583 1.21 -15.38 35.04
CA GLN A 583 1.68 -14.35 35.98
C GLN A 583 1.90 -12.99 35.31
N LYS A 584 2.09 -12.99 33.99
CA LYS A 584 2.26 -11.75 33.23
C LYS A 584 0.94 -10.98 33.11
N GLN A 585 -0.15 -11.67 33.41
CA GLN A 585 -1.49 -11.07 33.44
C GLN A 585 -2.17 -11.35 34.78
N THR B 40 2.42 -9.50 -39.33
CA THR B 40 1.63 -8.94 -40.47
C THR B 40 0.26 -9.61 -40.63
N GLY B 41 0.21 -10.93 -40.40
CA GLY B 41 -1.03 -11.71 -40.52
C GLY B 41 -2.10 -11.30 -39.55
N ARG B 42 -3.33 -11.15 -40.05
CA ARG B 42 -4.44 -10.59 -39.27
C ARG B 42 -5.68 -11.49 -39.22
N GLN B 43 -5.53 -12.76 -39.55
CA GLN B 43 -6.66 -13.71 -39.58
C GLN B 43 -7.26 -14.02 -38.20
N LYS B 44 -6.40 -14.20 -37.19
CA LYS B 44 -6.86 -14.38 -35.80
C LYS B 44 -7.69 -13.18 -35.37
N ALA B 45 -7.13 -12.00 -35.57
CA ALA B 45 -7.73 -10.72 -35.17
C ALA B 45 -9.08 -10.51 -35.83
N ARG B 46 -9.16 -10.76 -37.15
CA ARG B 46 -10.42 -10.67 -37.88
CA ARG B 46 -10.42 -10.69 -37.90
C ARG B 46 -11.46 -11.66 -37.33
N GLY B 47 -11.01 -12.88 -37.01
CA GLY B 47 -11.87 -13.91 -36.43
C GLY B 47 -12.40 -13.46 -35.07
N ALA B 48 -11.51 -12.90 -34.25
CA ALA B 48 -11.89 -12.42 -32.92
C ALA B 48 -12.96 -11.32 -33.01
N ALA B 49 -12.75 -10.37 -33.92
CA ALA B 49 -13.69 -9.28 -34.15
C ALA B 49 -15.05 -9.77 -34.65
N THR B 50 -15.04 -10.75 -35.56
CA THR B 50 -16.28 -11.34 -36.05
C THR B 50 -17.07 -11.96 -34.90
N ARG B 51 -16.40 -12.73 -34.05
CA ARG B 51 -17.03 -13.37 -32.89
C ARG B 51 -17.55 -12.38 -31.87
N ALA B 52 -16.74 -11.38 -31.51
CA ALA B 52 -17.13 -10.35 -30.55
C ALA B 52 -18.37 -9.59 -30.99
N ARG B 53 -18.39 -9.19 -32.27
CA ARG B 53 -19.52 -8.46 -32.84
C ARG B 53 -20.81 -9.28 -32.83
N GLN B 54 -20.70 -10.58 -33.04
CA GLN B 54 -21.84 -11.50 -32.99
C GLN B 54 -22.40 -11.58 -31.57
N LYS B 55 -21.50 -11.71 -30.59
CA LYS B 55 -21.89 -11.73 -29.18
C LYS B 55 -22.57 -10.42 -28.75
N GLN B 56 -22.03 -9.29 -29.19
CA GLN B 56 -22.59 -7.97 -28.86
C GLN B 56 -23.98 -7.80 -29.48
N ARG B 57 -24.11 -8.20 -30.75
CA ARG B 57 -25.38 -8.13 -31.46
CA ARG B 57 -25.39 -8.12 -31.45
C ARG B 57 -26.44 -9.00 -30.76
N ALA B 58 -26.04 -10.21 -30.37
CA ALA B 58 -26.93 -11.13 -29.66
C ALA B 58 -27.30 -10.62 -28.27
N SER B 59 -26.35 -9.95 -27.60
CA SER B 59 -26.61 -9.32 -26.30
C SER B 59 -27.70 -8.25 -26.43
N LEU B 60 -27.55 -7.40 -27.43
CA LEU B 60 -28.47 -6.29 -27.67
C LEU B 60 -29.86 -6.78 -28.05
N GLU B 61 -29.89 -7.86 -28.83
CA GLU B 61 -31.15 -8.48 -29.26
C GLU B 61 -31.88 -9.08 -28.06
N THR B 62 -31.13 -9.73 -27.17
CA THR B 62 -31.68 -10.31 -25.94
C THR B 62 -32.26 -9.20 -25.05
N MET B 63 -31.53 -8.10 -24.93
CA MET B 63 -32.00 -6.92 -24.20
C MET B 63 -33.32 -6.40 -24.79
N ASP B 64 -33.32 -6.23 -26.11
CA ASP B 64 -34.49 -5.75 -26.85
C ASP B 64 -35.75 -6.59 -26.58
N LYS B 65 -35.61 -7.91 -26.67
CA LYS B 65 -36.72 -8.84 -26.45
C LYS B 65 -37.25 -8.79 -25.02
N ALA B 66 -36.33 -8.74 -24.05
CA ALA B 66 -36.70 -8.69 -22.63
C ALA B 66 -37.41 -7.38 -22.27
N VAL B 67 -36.99 -6.29 -22.88
CA VAL B 67 -37.57 -4.96 -22.63
C VAL B 67 -39.00 -4.87 -23.20
N GLN B 68 -39.16 -5.31 -24.44
CA GLN B 68 -40.46 -5.29 -25.12
C GLN B 68 -41.47 -6.15 -24.37
N ARG B 69 -41.02 -7.30 -23.87
CA ARG B 69 -41.85 -8.19 -23.06
C ARG B 69 -42.34 -7.52 -21.77
N PHE B 70 -41.42 -6.84 -21.07
CA PHE B 70 -41.78 -6.19 -19.81
C PHE B 70 -42.70 -4.98 -20.02
N ARG B 71 -42.41 -4.18 -21.05
CA ARG B 71 -43.19 -2.99 -21.36
C ARG B 71 -44.65 -3.37 -21.65
N LEU B 72 -44.84 -4.47 -22.38
CA LEU B 72 -46.18 -4.93 -22.74
C LEU B 72 -46.96 -5.50 -21.55
N GLN B 73 -46.24 -6.12 -20.62
CA GLN B 73 -46.86 -6.64 -19.40
C GLN B 73 -47.08 -5.57 -18.33
N ASN B 74 -46.41 -4.44 -18.47
CA ASN B 74 -46.55 -3.31 -17.53
C ASN B 74 -46.71 -1.95 -18.23
N PRO B 75 -47.80 -1.76 -19.00
CA PRO B 75 -47.94 -0.52 -19.77
C PRO B 75 -48.26 0.72 -18.94
N ASP B 76 -48.72 0.52 -17.71
CA ASP B 76 -49.17 1.63 -16.86
C ASP B 76 -48.01 2.37 -16.18
N LEU B 77 -46.83 1.74 -16.18
CA LEU B 77 -45.64 2.26 -15.52
C LEU B 77 -45.12 3.56 -16.15
N ASP B 78 -45.01 4.60 -15.33
CA ASP B 78 -44.44 5.88 -15.78
C ASP B 78 -42.92 5.76 -15.84
N SER B 79 -42.43 5.33 -17.00
CA SER B 79 -41.01 5.04 -17.20
C SER B 79 -40.14 6.29 -17.21
N GLU B 80 -40.69 7.39 -17.73
CA GLU B 80 -39.98 8.67 -17.78
C GLU B 80 -39.71 9.20 -16.37
N ALA B 81 -40.74 9.18 -15.53
CA ALA B 81 -40.61 9.56 -14.13
C ALA B 81 -39.58 8.68 -13.40
N LEU B 82 -39.61 7.38 -13.69
CA LEU B 82 -38.66 6.41 -13.13
C LEU B 82 -37.21 6.81 -13.43
N LEU B 83 -36.95 7.09 -14.71
CA LEU B 83 -35.60 7.38 -15.20
C LEU B 83 -35.02 8.72 -14.75
N THR B 84 -35.89 9.68 -14.39
CA THR B 84 -35.43 11.01 -14.00
C THR B 84 -35.23 11.14 -12.48
N LEU B 85 -35.72 10.15 -11.73
CA LEU B 85 -35.50 10.07 -10.28
C LEU B 85 -34.01 10.01 -9.95
N PRO B 86 -33.53 10.92 -9.07
CA PRO B 86 -32.16 10.78 -8.54
C PRO B 86 -32.00 9.43 -7.85
N LEU B 87 -30.81 8.83 -7.98
CA LEU B 87 -30.55 7.50 -7.41
C LEU B 87 -31.05 7.35 -5.98
N LEU B 88 -30.76 8.34 -5.13
CA LEU B 88 -31.16 8.27 -3.73
C LEU B 88 -32.67 8.08 -3.54
N GLN B 89 -33.45 8.81 -4.32
CA GLN B 89 -34.90 8.66 -4.36
C GLN B 89 -35.31 7.33 -4.97
N LEU B 90 -34.58 6.92 -6.02
CA LEU B 90 -34.79 5.62 -6.62
C LEU B 90 -34.59 4.47 -5.60
N VAL B 91 -33.50 4.52 -4.82
CA VAL B 91 -33.25 3.44 -3.86
C VAL B 91 -34.24 3.41 -2.68
N GLN B 92 -34.75 4.58 -2.28
CA GLN B 92 -35.73 4.67 -1.18
C GLN B 92 -37.08 4.08 -1.57
N LYS B 93 -37.51 4.35 -2.81
CA LYS B 93 -38.73 3.74 -3.37
C LYS B 93 -38.57 2.23 -3.52
N LEU B 94 -37.37 1.80 -3.92
CA LEU B 94 -37.03 0.38 -4.01
C LEU B 94 -37.05 -0.29 -2.64
N GLN B 95 -36.52 0.40 -1.64
CA GLN B 95 -36.46 -0.11 -0.27
C GLN B 95 -37.85 -0.18 0.37
N SER B 96 -38.71 0.78 0.03
CA SER B 96 -40.07 0.85 0.58
C SER B 96 -41.06 -0.09 -0.12
N GLY B 97 -40.73 -0.52 -1.34
CA GLY B 97 -41.61 -1.39 -2.11
C GLY B 97 -42.48 -0.65 -3.11
N GLU B 98 -42.40 0.68 -3.12
CA GLU B 98 -43.11 1.50 -4.08
C GLU B 98 -42.76 1.14 -5.53
N LEU B 99 -41.48 0.90 -5.79
CA LEU B 99 -41.06 0.41 -7.09
C LEU B 99 -40.45 -0.98 -6.94
N SER B 100 -40.85 -1.89 -7.83
CA SER B 100 -40.31 -3.24 -7.81
C SER B 100 -38.92 -3.25 -8.45
N PRO B 101 -38.08 -4.25 -8.09
CA PRO B 101 -36.77 -4.38 -8.75
C PRO B 101 -36.94 -4.58 -10.25
N GLU B 102 -37.97 -5.34 -10.64
CA GLU B 102 -38.29 -5.58 -12.04
C GLU B 102 -38.55 -4.28 -12.81
N ALA B 103 -39.37 -3.41 -12.22
CA ALA B 103 -39.73 -2.13 -12.82
C ALA B 103 -38.50 -1.26 -13.10
N VAL B 104 -37.66 -1.10 -12.09
CA VAL B 104 -36.43 -0.32 -12.18
C VAL B 104 -35.49 -0.95 -13.20
N PHE B 105 -35.31 -2.26 -13.11
CA PHE B 105 -34.38 -2.98 -13.96
C PHE B 105 -34.69 -2.86 -15.45
N PHE B 106 -35.89 -3.29 -15.85
CA PHE B 106 -36.25 -3.34 -17.26
C PHE B 106 -36.45 -1.96 -17.88
N THR B 107 -36.83 -0.99 -17.05
CA THR B 107 -36.93 0.40 -17.50
C THR B 107 -35.54 0.97 -17.82
N TYR B 108 -34.57 0.71 -16.96
CA TYR B 108 -33.20 1.15 -17.26
C TYR B 108 -32.57 0.38 -18.42
N LEU B 109 -32.86 -0.92 -18.47
CA LEU B 109 -32.40 -1.80 -19.54
C LEU B 109 -32.88 -1.31 -20.90
N GLY B 110 -34.14 -0.89 -20.95
CA GLY B 110 -34.71 -0.30 -22.16
C GLY B 110 -34.02 0.99 -22.56
N LYS B 111 -33.73 1.83 -21.57
CA LYS B 111 -33.07 3.12 -21.81
C LYS B 111 -31.62 2.89 -22.28
N ALA B 112 -30.94 1.94 -21.65
CA ALA B 112 -29.58 1.56 -22.04
C ALA B 112 -29.54 1.10 -23.49
N TRP B 113 -30.54 0.29 -23.87
CA TRP B 113 -30.65 -0.18 -25.24
C TRP B 113 -30.84 0.97 -26.23
N GLU B 114 -31.70 1.93 -25.88
CA GLU B 114 -31.97 3.09 -26.73
C GLU B 114 -30.75 4.00 -26.89
N VAL B 115 -30.06 4.30 -25.78
CA VAL B 115 -28.92 5.20 -25.84
C VAL B 115 -27.71 4.58 -26.53
N ASN B 116 -27.61 3.25 -26.46
CA ASN B 116 -26.55 2.54 -27.15
C ASN B 116 -26.60 2.73 -28.66
N LYS B 117 -27.81 2.81 -29.21
CA LYS B 117 -27.99 3.00 -30.66
C LYS B 117 -27.16 4.17 -31.18
N GLY B 118 -27.14 5.26 -30.42
CA GLY B 118 -26.39 6.45 -30.82
C GLY B 118 -24.96 6.55 -30.29
N THR B 119 -24.60 5.69 -29.33
CA THR B 119 -23.29 5.80 -28.66
C THR B 119 -22.34 4.61 -28.87
N ASN B 120 -22.91 3.42 -29.04
CA ASN B 120 -22.13 2.17 -29.09
C ASN B 120 -21.28 1.99 -27.82
N CYS B 121 -21.95 2.07 -26.67
CA CYS B 121 -21.28 2.02 -25.37
C CYS B 121 -21.37 0.66 -24.70
N VAL B 122 -22.35 -0.16 -25.10
CA VAL B 122 -22.56 -1.48 -24.48
C VAL B 122 -21.90 -2.58 -25.32
N THR B 123 -21.06 -3.38 -24.68
CA THR B 123 -20.43 -4.52 -25.36
C THR B 123 -21.13 -5.85 -25.04
N SER B 124 -21.75 -5.93 -23.87
CA SER B 124 -22.24 -7.21 -23.39
C SER B 124 -23.38 -7.07 -22.38
N TYR B 125 -24.42 -7.88 -22.55
CA TYR B 125 -25.52 -7.99 -21.61
C TYR B 125 -25.19 -9.08 -20.61
N LEU B 126 -25.17 -8.73 -19.33
CA LEU B 126 -24.79 -9.69 -18.29
C LEU B 126 -25.98 -10.59 -17.94
N THR B 127 -26.23 -11.56 -18.81
CA THR B 127 -27.50 -12.31 -18.93
C THR B 127 -28.14 -12.83 -17.63
N ASP B 128 -27.33 -13.36 -16.71
CA ASP B 128 -27.85 -13.94 -15.47
C ASP B 128 -28.36 -12.90 -14.48
N CYS B 129 -28.31 -11.63 -14.88
CA CYS B 129 -28.76 -10.51 -14.03
C CYS B 129 -30.24 -10.60 -13.67
N GLU B 130 -31.03 -11.22 -14.55
CA GLU B 130 -32.46 -11.39 -14.32
C GLU B 130 -32.79 -12.35 -13.17
N THR B 131 -31.84 -13.25 -12.86
CA THR B 131 -31.98 -14.14 -11.71
C THR B 131 -31.42 -13.53 -10.42
N GLN B 132 -30.32 -12.79 -10.54
CA GLN B 132 -29.75 -12.02 -9.43
C GLN B 132 -30.76 -10.99 -8.91
N LEU B 133 -31.56 -10.45 -9.82
CA LEU B 133 -32.68 -9.56 -9.53
C LEU B 133 -33.66 -10.16 -8.52
N SER B 134 -34.07 -11.41 -8.77
CA SER B 134 -35.04 -12.11 -7.93
CA SER B 134 -35.05 -12.11 -7.93
C SER B 134 -34.48 -12.51 -6.58
N GLN B 135 -33.15 -12.55 -6.47
CA GLN B 135 -32.46 -12.99 -5.27
C GLN B 135 -31.71 -11.87 -4.53
N ALA B 136 -31.78 -10.65 -5.05
CA ALA B 136 -31.11 -9.50 -4.45
C ALA B 136 -31.43 -9.39 -2.96
N PRO B 137 -30.38 -9.35 -2.10
CA PRO B 137 -30.57 -9.22 -0.64
C PRO B 137 -31.39 -7.99 -0.27
N ARG B 138 -32.48 -8.23 0.48
CA ARG B 138 -33.55 -7.26 0.70
C ARG B 138 -33.13 -6.02 1.49
N GLN B 139 -32.24 -6.19 2.45
CA GLN B 139 -31.77 -5.07 3.25
C GLN B 139 -30.46 -4.45 2.71
N GLY B 140 -30.06 -4.89 1.53
CA GLY B 140 -28.87 -4.33 0.87
C GLY B 140 -29.00 -2.84 0.61
N LEU B 141 -27.90 -2.11 0.76
CA LEU B 141 -27.92 -0.65 0.58
C LEU B 141 -28.17 -0.24 -0.87
N LEU B 142 -27.97 -1.17 -1.80
CA LEU B 142 -28.20 -0.90 -3.23
C LEU B 142 -29.27 -1.83 -3.79
N TYR B 143 -30.18 -2.30 -2.94
CA TYR B 143 -31.23 -3.22 -3.34
C TYR B 143 -31.94 -2.76 -4.62
N GLY B 144 -31.91 -3.60 -5.64
CA GLY B 144 -32.63 -3.35 -6.89
C GLY B 144 -32.00 -2.34 -7.84
N VAL B 145 -30.81 -1.86 -7.52
CA VAL B 145 -30.16 -0.85 -8.37
C VAL B 145 -29.36 -1.50 -9.50
N PRO B 146 -29.74 -1.21 -10.76
CA PRO B 146 -28.94 -1.71 -11.89
C PRO B 146 -27.64 -0.93 -11.99
N VAL B 147 -26.53 -1.65 -12.13
CA VAL B 147 -25.19 -1.04 -12.17
C VAL B 147 -24.48 -1.46 -13.46
N SER B 148 -23.90 -0.49 -14.16
CA SER B 148 -23.11 -0.80 -15.34
C SER B 148 -21.65 -1.00 -14.93
N LEU B 149 -20.94 -1.84 -15.67
CA LEU B 149 -19.58 -2.24 -15.32
C LEU B 149 -18.65 -2.05 -16.50
N LYS B 150 -17.58 -1.28 -16.29
CA LYS B 150 -16.51 -1.20 -17.27
C LYS B 150 -16.09 -2.64 -17.60
N GLU B 151 -15.76 -2.90 -18.85
CA GLU B 151 -15.47 -4.25 -19.34
C GLU B 151 -14.38 -5.01 -18.56
N CYS B 152 -13.47 -4.29 -17.91
CA CYS B 152 -12.35 -4.94 -17.20
C CYS B 152 -12.72 -5.55 -15.83
N PHE B 153 -13.95 -5.26 -15.37
CA PHE B 153 -14.46 -5.89 -14.16
C PHE B 153 -14.95 -7.31 -14.47
N SER B 154 -14.18 -8.31 -14.06
CA SER B 154 -14.50 -9.71 -14.37
CA SER B 154 -14.49 -9.71 -14.36
C SER B 154 -15.88 -10.10 -13.87
N TYR B 155 -16.65 -10.70 -14.76
CA TYR B 155 -17.99 -11.16 -14.46
C TYR B 155 -18.06 -12.57 -14.99
N LYS B 156 -18.52 -13.50 -14.15
CA LYS B 156 -18.55 -14.93 -14.47
C LYS B 156 -19.24 -15.22 -15.81
N GLY B 157 -18.52 -15.90 -16.70
CA GLY B 157 -19.08 -16.33 -17.98
C GLY B 157 -18.95 -15.33 -19.12
N HIS B 158 -18.34 -14.18 -18.83
CA HIS B 158 -18.13 -13.14 -19.84
C HIS B 158 -16.66 -12.81 -20.03
N ASP B 159 -16.29 -12.45 -21.27
CA ASP B 159 -14.96 -11.94 -21.59
C ASP B 159 -14.73 -10.57 -20.95
N SER B 160 -13.47 -10.30 -20.64
CA SER B 160 -12.99 -8.94 -20.41
C SER B 160 -11.88 -8.75 -21.45
N THR B 161 -12.30 -8.38 -22.66
CA THR B 161 -11.41 -8.38 -23.84
C THR B 161 -10.39 -7.25 -23.81
N LEU B 162 -10.78 -6.10 -23.25
CA LEU B 162 -10.02 -4.84 -23.35
C LEU B 162 -9.78 -4.48 -24.83
N GLY B 163 -10.68 -4.93 -25.69
CA GLY B 163 -10.57 -4.72 -27.13
C GLY B 163 -9.41 -5.42 -27.80
N LEU B 164 -8.91 -6.47 -27.17
CA LEU B 164 -7.72 -7.19 -27.62
C LEU B 164 -8.09 -8.60 -28.06
N SER B 165 -7.64 -9.00 -29.26
CA SER B 165 -7.88 -10.35 -29.81
C SER B 165 -7.52 -11.49 -28.86
N LEU B 166 -6.38 -11.37 -28.17
CA LEU B 166 -5.91 -12.45 -27.31
C LEU B 166 -6.84 -12.75 -26.12
N ASN B 167 -7.72 -11.80 -25.78
CA ASN B 167 -8.66 -11.99 -24.66
C ASN B 167 -10.07 -12.39 -25.09
N GLU B 168 -10.29 -12.50 -26.40
CA GLU B 168 -11.59 -12.90 -26.95
C GLU B 168 -11.81 -14.40 -26.76
N GLY B 169 -13.01 -14.77 -26.32
CA GLY B 169 -13.33 -16.16 -26.08
C GLY B 169 -12.57 -16.77 -24.92
N MET B 170 -12.30 -15.94 -23.90
CA MET B 170 -11.65 -16.39 -22.67
C MET B 170 -12.48 -15.94 -21.49
N PRO B 171 -13.66 -16.54 -21.30
CA PRO B 171 -14.57 -15.96 -20.31
C PRO B 171 -14.05 -16.09 -18.88
N SER B 172 -14.32 -15.08 -18.08
CA SER B 172 -14.01 -15.09 -16.65
C SER B 172 -14.77 -16.21 -15.94
N GLU B 173 -14.15 -16.78 -14.91
CA GLU B 173 -14.76 -17.88 -14.17
C GLU B 173 -15.23 -17.50 -12.77
N SER B 174 -14.98 -16.24 -12.39
CA SER B 174 -15.46 -15.67 -11.13
C SER B 174 -15.85 -14.21 -11.34
N ASP B 175 -16.82 -13.74 -10.58
CA ASP B 175 -17.03 -12.31 -10.42
C ASP B 175 -15.84 -11.74 -9.64
N CYS B 176 -15.40 -10.55 -10.00
CA CYS B 176 -14.37 -9.84 -9.24
C CYS B 176 -14.94 -9.43 -7.87
N VAL B 177 -14.06 -9.10 -6.93
CA VAL B 177 -14.49 -8.81 -5.57
C VAL B 177 -15.57 -7.72 -5.49
N VAL B 178 -15.36 -6.58 -6.15
CA VAL B 178 -16.32 -5.47 -6.04
C VAL B 178 -17.69 -5.82 -6.63
N VAL B 179 -17.70 -6.69 -7.66
CA VAL B 179 -18.95 -7.19 -8.23
C VAL B 179 -19.70 -8.04 -7.20
N GLN B 180 -18.98 -8.96 -6.57
CA GLN B 180 -19.54 -9.78 -5.48
C GLN B 180 -20.15 -8.90 -4.40
N VAL B 181 -19.43 -7.87 -4.01
CA VAL B 181 -19.88 -6.94 -2.98
C VAL B 181 -21.13 -6.17 -3.41
N LEU B 182 -21.15 -5.72 -4.66
CA LEU B 182 -22.33 -5.05 -5.23
C LEU B 182 -23.58 -5.95 -5.13
N LYS B 183 -23.42 -7.21 -5.51
CA LYS B 183 -24.51 -8.20 -5.44
C LYS B 183 -24.95 -8.45 -4.00
N LEU B 184 -23.98 -8.51 -3.09
CA LEU B 184 -24.26 -8.69 -1.67
C LEU B 184 -24.99 -7.48 -1.08
N GLN B 185 -24.83 -6.32 -1.73
CA GLN B 185 -25.56 -5.12 -1.34
C GLN B 185 -26.89 -4.96 -2.10
N GLY B 186 -27.23 -5.98 -2.90
CA GLY B 186 -28.52 -6.02 -3.60
C GLY B 186 -28.55 -5.40 -4.98
N ALA B 187 -27.41 -4.88 -5.43
CA ALA B 187 -27.30 -4.27 -6.75
C ALA B 187 -27.31 -5.35 -7.84
N VAL B 188 -27.67 -4.94 -9.06
CA VAL B 188 -27.81 -5.85 -10.18
C VAL B 188 -26.94 -5.35 -11.35
N PRO B 189 -25.67 -5.78 -11.41
CA PRO B 189 -24.85 -5.46 -12.57
C PRO B 189 -25.51 -6.01 -13.85
N PHE B 190 -25.66 -5.18 -14.86
CA PHE B 190 -26.45 -5.58 -16.02
C PHE B 190 -25.76 -5.49 -17.37
N VAL B 191 -24.72 -4.66 -17.48
CA VAL B 191 -23.94 -4.54 -18.72
C VAL B 191 -22.43 -4.38 -18.53
N HIS B 192 -21.70 -4.84 -19.54
CA HIS B 192 -20.29 -4.48 -19.71
C HIS B 192 -20.23 -3.35 -20.73
N THR B 193 -19.43 -2.33 -20.44
CA THR B 193 -19.36 -1.15 -21.31
C THR B 193 -17.99 -1.00 -21.96
N ASN B 194 -17.99 -0.37 -23.14
CA ASN B 194 -16.82 -0.28 -24.00
C ASN B 194 -15.63 0.47 -23.42
N VAL B 195 -14.43 0.04 -23.82
CA VAL B 195 -13.18 0.70 -23.45
C VAL B 195 -12.31 0.87 -24.71
N PRO B 196 -11.37 1.84 -24.70
CA PRO B 196 -10.42 1.87 -25.81
C PRO B 196 -9.50 0.65 -25.76
N GLN B 197 -8.94 0.29 -26.90
CA GLN B 197 -8.09 -0.89 -27.01
C GLN B 197 -6.96 -0.85 -26.00
N SER B 198 -6.89 -1.90 -25.18
CA SER B 198 -5.86 -2.08 -24.14
CA SER B 198 -5.88 -2.09 -24.13
C SER B 198 -6.05 -1.18 -22.92
N MET B 199 -6.97 -0.21 -23.03
CA MET B 199 -7.28 0.76 -21.97
C MET B 199 -6.22 1.86 -21.77
N LEU B 200 -5.19 1.89 -22.62
CA LEU B 200 -4.14 2.91 -22.53
C LEU B 200 -4.44 4.13 -23.40
N SER B 201 -5.52 4.82 -23.07
CA SER B 201 -6.08 5.86 -23.92
C SER B 201 -7.16 6.62 -23.17
N PHE B 202 -7.32 7.91 -23.47
CA PHE B 202 -8.52 8.62 -23.01
C PHE B 202 -9.52 8.91 -24.15
N ASP B 203 -9.39 8.11 -25.21
CA ASP B 203 -10.44 7.97 -26.21
C ASP B 203 -11.16 6.65 -25.90
N CYS B 204 -11.98 6.14 -26.83
CA CYS B 204 -12.76 4.93 -26.55
C CYS B 204 -13.12 4.13 -27.80
N SER B 205 -12.12 3.56 -28.45
CA SER B 205 -12.35 2.70 -29.60
C SER B 205 -11.43 1.48 -29.56
N ASN B 206 -11.96 0.35 -30.03
CA ASN B 206 -11.18 -0.86 -30.22
C ASN B 206 -11.63 -1.64 -31.47
N PRO B 207 -10.76 -2.50 -32.01
CA PRO B 207 -11.11 -3.20 -33.27
C PRO B 207 -12.19 -4.27 -33.13
N LEU B 208 -12.59 -4.59 -31.89
CA LEU B 208 -13.60 -5.62 -31.63
C LEU B 208 -15.03 -5.07 -31.65
N PHE B 209 -15.33 -4.13 -30.76
CA PHE B 209 -16.67 -3.55 -30.66
C PHE B 209 -16.74 -2.14 -31.28
N GLY B 210 -15.60 -1.65 -31.76
CA GLY B 210 -15.54 -0.37 -32.44
C GLY B 210 -15.51 0.84 -31.53
N GLN B 211 -16.13 1.92 -32.00
CA GLN B 211 -15.96 3.25 -31.44
C GLN B 211 -17.18 3.69 -30.61
N THR B 212 -16.92 4.14 -29.40
CA THR B 212 -17.94 4.75 -28.56
C THR B 212 -17.95 6.27 -28.80
N MET B 213 -19.15 6.84 -28.92
CA MET B 213 -19.32 8.26 -29.20
C MET B 213 -19.91 8.96 -27.99
N ASN B 214 -19.51 10.23 -27.82
CA ASN B 214 -20.09 11.11 -26.80
C ASN B 214 -21.59 11.27 -27.07
N PRO B 215 -22.44 11.12 -26.03
CA PRO B 215 -23.89 11.27 -26.21
C PRO B 215 -24.36 12.71 -26.50
N TRP B 216 -23.55 13.71 -26.14
CA TRP B 216 -23.90 15.09 -26.40
C TRP B 216 -23.63 15.50 -27.85
N LYS B 217 -22.69 14.81 -28.50
CA LYS B 217 -22.23 15.17 -29.84
C LYS B 217 -21.45 14.01 -30.45
N SER B 218 -21.98 13.49 -31.56
CA SER B 218 -21.48 12.25 -32.17
CA SER B 218 -21.48 12.25 -32.17
C SER B 218 -20.05 12.32 -32.71
N SER B 219 -19.58 13.54 -33.01
CA SER B 219 -18.21 13.72 -33.49
C SER B 219 -17.20 13.87 -32.34
N LYS B 220 -17.69 13.83 -31.11
CA LYS B 220 -16.84 13.97 -29.93
C LYS B 220 -16.56 12.63 -29.24
N SER B 221 -15.40 12.56 -28.60
CA SER B 221 -15.03 11.42 -27.78
C SER B 221 -15.82 11.46 -26.46
N PRO B 222 -16.20 10.29 -25.94
CA PRO B 222 -16.83 10.24 -24.61
C PRO B 222 -15.78 10.24 -23.51
N GLY B 223 -14.51 10.32 -23.90
CA GLY B 223 -13.40 10.11 -22.98
C GLY B 223 -13.09 8.64 -22.82
N GLY B 224 -12.16 8.35 -21.94
CA GLY B 224 -11.76 6.98 -21.65
C GLY B 224 -10.72 6.97 -20.54
N SER B 225 -10.27 5.79 -20.11
CA SER B 225 -10.67 4.51 -20.70
C SER B 225 -12.06 4.01 -20.30
N SER B 226 -12.64 4.52 -19.23
CA SER B 226 -14.02 4.16 -18.85
C SER B 226 -15.05 4.88 -19.73
N GLY B 227 -14.82 4.89 -21.04
CA GLY B 227 -15.62 5.68 -21.96
C GLY B 227 -17.07 5.23 -22.10
N GLY B 228 -17.28 3.92 -22.16
CA GLY B 228 -18.64 3.35 -22.27
C GLY B 228 -19.52 3.73 -21.09
N GLU B 229 -18.92 3.71 -19.89
CA GLU B 229 -19.60 4.13 -18.66
C GLU B 229 -20.02 5.58 -18.74
N GLY B 230 -19.09 6.42 -19.21
CA GLY B 230 -19.37 7.83 -19.40
C GLY B 230 -20.56 8.05 -20.32
N ALA B 231 -20.57 7.36 -21.46
CA ALA B 231 -21.63 7.53 -22.44
C ALA B 231 -22.98 7.00 -21.92
N LEU B 232 -22.97 5.81 -21.33
CA LEU B 232 -24.19 5.20 -20.81
C LEU B 232 -24.84 6.08 -19.74
N ILE B 233 -24.10 6.37 -18.67
CA ILE B 233 -24.59 7.16 -17.54
C ILE B 233 -24.92 8.60 -17.97
N GLY B 234 -24.09 9.16 -18.84
CA GLY B 234 -24.27 10.52 -19.33
C GLY B 234 -25.53 10.71 -20.16
N SER B 235 -26.10 9.63 -20.66
CA SER B 235 -27.33 9.71 -21.46
C SER B 235 -28.55 9.14 -20.73
N GLY B 236 -28.37 8.78 -19.46
CA GLY B 236 -29.47 8.31 -18.63
C GLY B 236 -29.68 6.80 -18.62
N GLY B 237 -28.76 6.06 -19.25
CA GLY B 237 -28.93 4.61 -19.43
C GLY B 237 -28.53 3.72 -18.26
N SER B 238 -27.98 4.33 -17.20
CA SER B 238 -27.56 3.64 -15.96
C SER B 238 -27.43 4.68 -14.84
N PRO B 239 -27.92 4.35 -13.63
CA PRO B 239 -27.86 5.29 -12.51
C PRO B 239 -26.51 5.30 -11.78
N LEU B 240 -25.70 4.27 -12.03
CA LEU B 240 -24.46 4.05 -11.30
C LEU B 240 -23.56 3.11 -12.06
N GLY B 241 -22.25 3.39 -12.07
CA GLY B 241 -21.29 2.53 -12.76
C GLY B 241 -19.94 2.54 -12.07
N LEU B 242 -19.13 1.53 -12.38
CA LEU B 242 -17.77 1.42 -11.87
C LEU B 242 -16.76 1.54 -12.99
N GLY B 243 -15.73 2.35 -12.76
CA GLY B 243 -14.64 2.50 -13.71
C GLY B 243 -13.30 2.28 -13.02
N THR B 244 -12.23 2.28 -13.79
CA THR B 244 -10.86 2.24 -13.25
C THR B 244 -10.13 3.50 -13.72
N ASP B 245 -9.03 3.83 -13.05
CA ASP B 245 -8.30 5.07 -13.31
C ASP B 245 -6.83 4.95 -12.88
N ILE B 246 -5.93 5.05 -13.86
CA ILE B 246 -4.48 5.09 -13.60
C ILE B 246 -3.84 6.36 -14.19
N GLY B 247 -4.55 7.04 -15.07
CA GLY B 247 -4.06 8.26 -15.69
C GLY B 247 -5.13 9.31 -15.85
N GLY B 248 -6.35 8.98 -15.41
CA GLY B 248 -7.51 9.86 -15.55
C GLY B 248 -8.76 9.16 -16.07
N SER B 249 -8.70 7.83 -16.17
CA SER B 249 -9.71 7.03 -16.86
C SER B 249 -11.12 7.03 -16.28
N ILE B 250 -11.29 7.59 -15.09
CA ILE B 250 -12.63 7.81 -14.53
C ILE B 250 -13.00 9.27 -14.76
N ARG B 251 -12.02 10.14 -14.60
CA ARG B 251 -12.24 11.59 -14.63
C ARG B 251 -12.47 12.15 -16.05
N PHE B 252 -11.70 11.69 -17.04
CA PHE B 252 -11.93 12.09 -18.44
C PHE B 252 -13.37 11.83 -18.91
N PRO B 253 -13.84 10.56 -18.87
CA PRO B 253 -15.21 10.30 -19.35
C PRO B 253 -16.30 10.97 -18.51
N SER B 254 -16.10 11.12 -17.21
CA SER B 254 -17.07 11.83 -16.38
C SER B 254 -17.19 13.29 -16.82
N ALA B 255 -16.04 13.96 -16.93
CA ALA B 255 -15.99 15.34 -17.42
C ALA B 255 -16.58 15.49 -18.82
N PHE B 256 -16.11 14.68 -19.77
CA PHE B 256 -16.54 14.77 -21.18
C PHE B 256 -18.03 14.51 -21.35
N CYS B 257 -18.59 13.61 -20.54
CA CYS B 257 -20.01 13.24 -20.68
C CYS B 257 -20.92 13.96 -19.69
N GLY B 258 -20.33 14.75 -18.80
CA GLY B 258 -21.10 15.59 -17.88
C GLY B 258 -21.73 14.83 -16.74
N ILE B 259 -20.96 13.94 -16.13
CA ILE B 259 -21.38 13.22 -14.93
C ILE B 259 -20.33 13.37 -13.83
N CYS B 260 -20.64 12.84 -12.64
CA CYS B 260 -19.70 12.84 -11.52
C CYS B 260 -18.95 11.51 -11.47
N GLY B 261 -17.67 11.58 -11.11
CA GLY B 261 -16.85 10.38 -10.92
C GLY B 261 -15.83 10.64 -9.83
N LEU B 262 -15.45 9.58 -9.12
CA LEU B 262 -14.44 9.68 -8.07
C LEU B 262 -13.35 8.63 -8.27
N LYS B 263 -12.09 9.08 -8.27
CA LYS B 263 -10.92 8.20 -8.23
C LYS B 263 -10.33 8.20 -6.81
N PRO B 264 -10.68 7.18 -5.99
CA PRO B 264 -10.16 7.11 -4.63
C PRO B 264 -8.66 6.81 -4.61
N THR B 265 -8.08 6.78 -3.41
CA THR B 265 -6.74 6.25 -3.19
C THR B 265 -6.67 4.82 -3.72
N GLY B 266 -5.53 4.45 -4.30
CA GLY B 266 -5.35 3.17 -4.98
C GLY B 266 -5.93 1.95 -4.26
N ASN B 267 -5.59 1.81 -2.99
CA ASN B 267 -6.00 0.64 -2.22
C ASN B 267 -7.22 0.84 -1.31
N ARG B 268 -8.01 1.91 -1.53
CA ARG B 268 -9.24 2.08 -0.76
C ARG B 268 -10.25 0.97 -1.11
N LEU B 269 -10.18 0.48 -2.35
CA LEU B 269 -11.06 -0.58 -2.82
C LEU B 269 -10.27 -1.77 -3.40
N SER B 270 -10.92 -2.93 -3.46
CA SER B 270 -10.28 -4.14 -3.97
C SER B 270 -10.14 -4.17 -5.49
N LYS B 271 -8.91 -4.38 -5.96
CA LYS B 271 -8.61 -4.59 -7.37
C LYS B 271 -8.60 -6.07 -7.73
N SER B 272 -9.01 -6.91 -6.79
CA SER B 272 -9.00 -8.36 -7.04
C SER B 272 -10.03 -8.75 -8.11
N GLY B 273 -9.54 -9.41 -9.14
CA GLY B 273 -10.38 -9.83 -10.25
C GLY B 273 -10.48 -8.80 -11.35
N LEU B 274 -9.74 -7.69 -11.22
CA LEU B 274 -9.70 -6.70 -12.28
C LEU B 274 -8.75 -7.13 -13.39
N LYS B 275 -9.27 -7.13 -14.62
CA LYS B 275 -8.49 -7.48 -15.79
C LYS B 275 -7.68 -6.25 -16.25
N GLY B 276 -6.40 -6.47 -16.54
CA GLY B 276 -5.54 -5.42 -17.07
C GLY B 276 -4.59 -6.06 -18.06
N CYS B 277 -3.90 -5.25 -18.87
CA CYS B 277 -2.96 -5.83 -19.82
C CYS B 277 -1.51 -5.82 -19.34
N VAL B 278 -1.27 -5.15 -18.22
CA VAL B 278 0.05 -5.16 -17.54
C VAL B 278 -0.17 -5.35 -16.03
N TYR B 279 0.54 -6.29 -15.42
CA TYR B 279 0.46 -6.53 -13.98
C TYR B 279 1.79 -6.32 -13.25
N GLY B 280 1.69 -5.88 -12.00
CA GLY B 280 2.86 -5.75 -11.14
C GLY B 280 3.52 -4.38 -11.17
N GLN B 281 2.94 -3.44 -11.91
CA GLN B 281 3.40 -2.05 -11.90
C GLN B 281 2.76 -1.36 -10.70
N THR B 282 3.59 -0.91 -9.75
CA THR B 282 3.09 -0.32 -8.51
C THR B 282 3.49 1.13 -8.26
N ALA B 283 4.40 1.67 -9.08
CA ALA B 283 4.85 3.05 -8.94
C ALA B 283 3.73 4.08 -9.11
N VAL B 284 2.94 3.92 -10.17
CA VAL B 284 1.78 4.76 -10.41
C VAL B 284 0.54 3.93 -10.13
N GLN B 285 -0.18 4.31 -9.09
CA GLN B 285 -1.28 3.51 -8.55
C GLN B 285 -2.51 3.53 -9.42
N LEU B 286 -3.04 2.34 -9.69
CA LEU B 286 -4.33 2.16 -10.35
C LEU B 286 -5.42 2.25 -9.28
N SER B 287 -6.55 2.84 -9.64
CA SER B 287 -7.68 2.99 -8.73
CA SER B 287 -7.68 2.94 -8.72
C SER B 287 -9.00 2.67 -9.42
N LEU B 288 -9.96 2.15 -8.66
CA LEU B 288 -11.30 1.93 -9.17
C LEU B 288 -12.28 2.73 -8.34
N GLY B 289 -13.38 3.13 -8.96
CA GLY B 289 -14.34 3.98 -8.27
C GLY B 289 -15.62 4.22 -9.04
N PRO B 290 -16.61 4.85 -8.38
CA PRO B 290 -17.94 5.03 -8.97
C PRO B 290 -17.99 6.18 -9.96
N MET B 291 -18.97 6.10 -10.86
CA MET B 291 -19.35 7.16 -11.77
C MET B 291 -20.89 7.23 -11.72
N ALA B 292 -21.44 8.44 -11.66
CA ALA B 292 -22.88 8.63 -11.50
C ALA B 292 -23.30 10.05 -11.87
N ARG B 293 -24.60 10.32 -11.79
CA ARG B 293 -25.16 11.61 -12.19
C ARG B 293 -24.98 12.71 -11.15
N ASP B 294 -24.83 12.31 -9.89
CA ASP B 294 -24.67 13.28 -8.81
C ASP B 294 -23.69 12.77 -7.75
N VAL B 295 -23.22 13.68 -6.89
CA VAL B 295 -22.20 13.34 -5.88
C VAL B 295 -22.74 12.36 -4.84
N GLU B 296 -24.00 12.55 -4.44
CA GLU B 296 -24.67 11.71 -3.45
C GLU B 296 -24.67 10.23 -3.89
N SER B 297 -24.81 9.98 -5.19
CA SER B 297 -24.75 8.63 -5.74
C SER B 297 -23.38 7.98 -5.55
N LEU B 298 -22.32 8.77 -5.73
CA LEU B 298 -20.95 8.31 -5.50
C LEU B 298 -20.72 7.95 -4.03
N ALA B 299 -21.31 8.75 -3.14
CA ALA B 299 -21.17 8.54 -1.69
C ALA B 299 -21.88 7.27 -1.24
N LEU B 300 -23.10 7.06 -1.76
CA LEU B 300 -23.86 5.86 -1.48
C LEU B 300 -23.12 4.62 -1.95
N CYS B 301 -22.60 4.66 -3.18
CA CYS B 301 -21.84 3.55 -3.73
C CYS B 301 -20.60 3.28 -2.90
N LEU B 302 -19.88 4.32 -2.52
CA LEU B 302 -18.69 4.16 -1.69
C LEU B 302 -19.05 3.60 -0.30
N LYS B 303 -20.14 4.10 0.28
CA LYS B 303 -20.60 3.62 1.57
C LYS B 303 -20.93 2.12 1.48
N ALA B 304 -21.64 1.73 0.42
CA ALA B 304 -22.06 0.34 0.23
C ALA B 304 -20.90 -0.63 -0.02
N LEU B 305 -19.88 -0.17 -0.74
CA LEU B 305 -18.70 -0.98 -1.02
C LEU B 305 -17.82 -1.15 0.21
N LEU B 306 -17.72 -0.09 1.02
CA LEU B 306 -16.86 -0.07 2.20
C LEU B 306 -17.51 -0.79 3.37
N CYS B 307 -17.77 -2.08 3.19
CA CYS B 307 -18.48 -2.90 4.19
C CYS B 307 -17.71 -4.17 4.54
N GLU B 308 -18.18 -4.87 5.57
CA GLU B 308 -17.60 -6.14 6.01
C GLU B 308 -17.36 -7.13 4.87
N HIS B 309 -18.32 -7.23 3.95
CA HIS B 309 -18.20 -8.15 2.82
C HIS B 309 -16.92 -7.88 2.02
N LEU B 310 -16.64 -6.62 1.73
CA LEU B 310 -15.44 -6.26 0.99
C LEU B 310 -14.18 -6.59 1.77
N PHE B 311 -14.14 -6.17 3.02
CA PHE B 311 -12.96 -6.32 3.86
C PHE B 311 -12.63 -7.78 4.17
N THR B 312 -13.65 -8.62 4.17
CA THR B 312 -13.51 -10.07 4.36
C THR B 312 -13.05 -10.75 3.07
N LEU B 313 -13.71 -10.42 1.96
CA LEU B 313 -13.37 -11.00 0.66
C LEU B 313 -11.99 -10.57 0.16
N ASP B 314 -11.55 -9.37 0.53
CA ASP B 314 -10.17 -8.95 0.27
C ASP B 314 -9.53 -8.32 1.49
N PRO B 315 -8.93 -9.15 2.37
CA PRO B 315 -8.24 -8.66 3.57
C PRO B 315 -7.08 -7.68 3.30
N THR B 316 -6.58 -7.61 2.06
CA THR B 316 -5.45 -6.72 1.72
C THR B 316 -5.87 -5.25 1.69
N VAL B 317 -7.17 -5.02 1.60
CA VAL B 317 -7.74 -3.69 1.62
C VAL B 317 -7.93 -3.24 3.08
N PRO B 318 -7.36 -2.07 3.45
CA PRO B 318 -7.50 -1.57 4.82
C PRO B 318 -8.98 -1.38 5.17
N PRO B 319 -9.45 -1.96 6.29
CA PRO B 319 -10.88 -1.91 6.61
C PRO B 319 -11.33 -0.54 7.16
N LEU B 320 -11.22 0.48 6.31
CA LEU B 320 -11.66 1.83 6.63
C LEU B 320 -13.13 2.02 6.29
N PRO B 321 -14.01 2.12 7.31
CA PRO B 321 -15.41 2.35 7.03
C PRO B 321 -15.61 3.74 6.44
N PHE B 322 -16.70 3.91 5.69
CA PHE B 322 -17.09 5.22 5.19
C PHE B 322 -17.43 6.10 6.38
N ARG B 323 -16.71 7.20 6.55
CA ARG B 323 -16.96 8.10 7.67
C ARG B 323 -17.97 9.17 7.27
N GLU B 324 -19.22 8.95 7.65
CA GLU B 324 -20.34 9.83 7.34
C GLU B 324 -20.11 11.25 7.87
N GLU B 325 -19.56 11.37 9.07
CA GLU B 325 -19.35 12.67 9.72
C GLU B 325 -18.47 13.60 8.87
N VAL B 326 -17.51 13.01 8.18
CA VAL B 326 -16.61 13.76 7.30
C VAL B 326 -17.33 14.19 6.03
N TYR B 327 -18.05 13.27 5.41
CA TYR B 327 -18.79 13.55 4.17
C TYR B 327 -19.85 14.63 4.36
N ARG B 328 -20.48 14.66 5.53
CA ARG B 328 -21.63 15.53 5.77
C ARG B 328 -21.26 16.84 6.45
N SER B 329 -19.97 17.03 6.71
CA SER B 329 -19.45 18.24 7.34
C SER B 329 -19.87 19.50 6.59
N SER B 330 -20.28 20.52 7.35
CA SER B 330 -20.64 21.81 6.77
C SER B 330 -19.65 22.91 7.18
N ARG B 331 -18.53 22.51 7.79
CA ARG B 331 -17.46 23.41 8.20
C ARG B 331 -16.84 24.10 6.98
N PRO B 332 -16.55 25.41 7.09
CA PRO B 332 -15.83 26.12 6.02
C PRO B 332 -14.46 25.48 5.75
N LEU B 333 -14.07 25.47 4.48
CA LEU B 333 -12.85 24.78 4.05
C LEU B 333 -11.75 25.73 3.68
N ARG B 334 -10.51 25.32 3.94
CA ARG B 334 -9.34 25.97 3.36
C ARG B 334 -9.07 25.27 2.03
N VAL B 335 -9.36 25.99 0.95
CA VAL B 335 -9.38 25.41 -0.39
C VAL B 335 -8.21 25.94 -1.20
N GLY B 336 -7.23 25.08 -1.47
CA GLY B 336 -6.14 25.42 -2.38
C GLY B 336 -6.68 25.39 -3.80
N TYR B 337 -6.17 26.26 -4.66
CA TYR B 337 -6.62 26.28 -6.05
C TYR B 337 -5.54 26.70 -7.03
N TYR B 338 -5.63 26.17 -8.25
CA TYR B 338 -4.94 26.79 -9.38
C TYR B 338 -5.86 26.79 -10.59
N GLU B 339 -5.66 27.76 -11.48
CA GLU B 339 -6.47 27.87 -12.69
C GLU B 339 -5.74 27.32 -13.91
N THR B 340 -4.44 27.10 -13.75
CA THR B 340 -3.60 26.47 -14.77
C THR B 340 -2.41 25.77 -14.11
N ASP B 341 -2.01 24.63 -14.66
CA ASP B 341 -0.82 23.94 -14.17
C ASP B 341 0.44 24.36 -14.92
N ASN B 342 0.30 25.36 -15.80
CA ASN B 342 1.39 25.83 -16.67
C ASN B 342 2.04 24.73 -17.51
N TYR B 343 1.27 23.68 -17.78
CA TYR B 343 1.72 22.60 -18.63
C TYR B 343 0.73 22.45 -19.80
N THR B 344 -0.53 22.21 -19.46
CA THR B 344 -1.62 22.24 -20.43
C THR B 344 -2.37 23.55 -20.25
N MET B 345 -2.39 24.38 -21.28
CA MET B 345 -3.19 25.59 -21.26
C MET B 345 -4.66 25.20 -21.16
N PRO B 346 -5.36 25.71 -20.12
CA PRO B 346 -6.78 25.42 -20.03
C PRO B 346 -7.55 26.07 -21.18
N SER B 347 -8.57 25.39 -21.69
CA SER B 347 -9.51 26.01 -22.62
C SER B 347 -10.21 27.17 -21.91
N PRO B 348 -10.75 28.15 -22.66
CA PRO B 348 -11.51 29.24 -22.02
C PRO B 348 -12.64 28.73 -21.12
N ALA B 349 -13.30 27.65 -21.55
CA ALA B 349 -14.38 27.05 -20.77
C ALA B 349 -13.89 26.45 -19.44
N MET B 350 -12.74 25.76 -19.47
CA MET B 350 -12.09 25.25 -18.27
C MET B 350 -11.80 26.35 -17.26
N ARG B 351 -11.18 27.42 -17.76
CA ARG B 351 -10.75 28.54 -16.94
C ARG B 351 -11.94 29.21 -16.28
N ARG B 352 -12.99 29.46 -17.08
CA ARG B 352 -14.24 30.05 -16.58
C ARG B 352 -14.85 29.18 -15.49
N ALA B 353 -14.98 27.88 -15.78
CA ALA B 353 -15.50 26.92 -14.82
C ALA B 353 -14.75 27.01 -13.48
N LEU B 354 -13.43 27.01 -13.55
CA LEU B 354 -12.59 27.10 -12.35
C LEU B 354 -12.83 28.40 -11.57
N ILE B 355 -12.77 29.54 -12.28
CA ILE B 355 -12.91 30.85 -11.64
C ILE B 355 -14.30 31.07 -11.03
N GLU B 356 -15.34 30.63 -11.73
CA GLU B 356 -16.71 30.75 -11.23
C GLU B 356 -16.93 29.94 -9.96
N THR B 357 -16.45 28.70 -9.92
CA THR B 357 -16.65 27.88 -8.72
C THR B 357 -15.80 28.40 -7.56
N LYS B 358 -14.60 28.89 -7.87
CA LYS B 358 -13.79 29.60 -6.89
C LYS B 358 -14.57 30.75 -6.25
N GLN B 359 -15.21 31.56 -7.09
CA GLN B 359 -15.99 32.71 -6.64
C GLN B 359 -17.20 32.34 -5.78
N ARG B 360 -17.91 31.28 -6.18
CA ARG B 360 -19.04 30.77 -5.41
C ARG B 360 -18.62 30.21 -4.06
N LEU B 361 -17.50 29.48 -4.03
CA LEU B 361 -16.94 28.97 -2.78
C LEU B 361 -16.53 30.11 -1.84
N GLU B 362 -15.91 31.16 -2.40
CA GLU B 362 -15.59 32.38 -1.63
C GLU B 362 -16.82 33.01 -0.99
N ALA B 363 -17.87 33.19 -1.80
CA ALA B 363 -19.13 33.76 -1.34
C ALA B 363 -19.82 32.90 -0.28
N ALA B 364 -19.62 31.58 -0.37
CA ALA B 364 -20.18 30.65 0.60
C ALA B 364 -19.39 30.59 1.92
N GLY B 365 -18.24 31.26 1.95
CA GLY B 365 -17.48 31.41 3.19
C GLY B 365 -16.21 30.60 3.32
N HIS B 366 -15.78 29.96 2.24
CA HIS B 366 -14.53 29.20 2.25
C HIS B 366 -13.34 30.09 1.94
N THR B 367 -12.16 29.73 2.44
CA THR B 367 -10.96 30.51 2.14
C THR B 367 -10.17 29.88 0.99
N LEU B 368 -9.99 30.65 -0.08
CA LEU B 368 -9.36 30.19 -1.30
C LEU B 368 -7.90 30.61 -1.38
N ILE B 369 -7.00 29.64 -1.37
CA ILE B 369 -5.57 29.89 -1.28
C ILE B 369 -4.87 29.43 -2.55
N PRO B 370 -4.15 30.33 -3.23
CA PRO B 370 -3.38 29.92 -4.41
C PRO B 370 -2.39 28.83 -4.05
N PHE B 371 -2.39 27.76 -4.82
CA PHE B 371 -1.57 26.58 -4.51
C PHE B 371 -1.28 25.83 -5.78
N LEU B 372 -0.01 25.49 -5.99
CA LEU B 372 0.41 24.67 -7.12
C LEU B 372 1.44 23.64 -6.67
N PRO B 373 1.14 22.35 -6.84
CA PRO B 373 2.12 21.31 -6.55
C PRO B 373 3.44 21.61 -7.23
N ASN B 374 4.54 21.46 -6.49
CA ASN B 374 5.88 21.76 -7.01
C ASN B 374 6.25 20.83 -8.17
N ASN B 375 7.14 21.29 -9.04
CA ASN B 375 7.75 20.46 -10.09
C ASN B 375 6.78 19.58 -10.88
N ILE B 376 5.71 20.18 -11.42
CA ILE B 376 4.75 19.42 -12.23
C ILE B 376 5.39 18.74 -13.48
N PRO B 377 6.17 19.50 -14.29
CA PRO B 377 6.78 18.88 -15.48
C PRO B 377 7.59 17.61 -15.17
N TYR B 378 8.35 17.66 -14.09
CA TYR B 378 9.15 16.54 -13.60
C TYR B 378 8.26 15.36 -13.17
N ALA B 379 7.23 15.65 -12.39
CA ALA B 379 6.28 14.61 -11.97
C ALA B 379 5.61 13.91 -13.13
N LEU B 380 5.33 14.66 -14.20
CA LEU B 380 4.67 14.10 -15.39
C LEU B 380 5.65 13.37 -16.30
N GLU B 381 6.73 14.05 -16.66
CA GLU B 381 7.63 13.59 -17.71
C GLU B 381 8.57 12.48 -17.27
N VAL B 382 9.07 12.54 -16.04
CA VAL B 382 9.96 11.48 -15.52
C VAL B 382 9.26 10.50 -14.55
N LEU B 383 8.50 11.00 -13.59
CA LEU B 383 7.85 10.12 -12.61
C LEU B 383 6.66 9.34 -13.19
N SER B 384 5.67 10.04 -13.73
CA SER B 384 4.47 9.39 -14.27
C SER B 384 4.77 8.55 -15.51
N ALA B 385 5.34 9.18 -16.54
CA ALA B 385 5.72 8.47 -17.76
C ALA B 385 6.68 7.32 -17.48
N GLY B 386 7.69 7.57 -16.65
CA GLY B 386 8.70 6.56 -16.29
C GLY B 386 8.14 5.39 -15.49
N GLY B 387 7.18 5.68 -14.62
CA GLY B 387 6.53 4.64 -13.82
C GLY B 387 5.62 3.77 -14.65
N LEU B 388 4.84 4.38 -15.54
CA LEU B 388 3.91 3.66 -16.40
C LEU B 388 4.64 2.80 -17.46
N PHE B 389 5.86 3.19 -17.83
CA PHE B 389 6.58 2.52 -18.92
C PHE B 389 8.00 2.09 -18.54
N SER B 390 8.20 1.73 -17.27
CA SER B 390 9.52 1.35 -16.76
C SER B 390 10.23 0.25 -17.55
N ASP B 391 9.47 -0.63 -18.19
CA ASP B 391 10.04 -1.72 -18.99
C ASP B 391 10.10 -1.40 -20.49
N GLY B 392 9.95 -0.12 -20.84
CA GLY B 392 9.90 0.30 -22.24
C GLY B 392 8.62 -0.07 -22.97
N GLY B 393 7.62 -0.55 -22.24
CA GLY B 393 6.36 -0.99 -22.83
C GLY B 393 6.37 -2.42 -23.35
N ARG B 394 7.42 -3.18 -23.02
CA ARG B 394 7.55 -4.58 -23.43
C ARG B 394 6.35 -5.45 -23.05
N SER B 395 5.98 -5.42 -21.76
CA SER B 395 4.82 -6.18 -21.26
C SER B 395 3.55 -5.80 -22.01
N PHE B 396 3.34 -4.50 -22.16
CA PHE B 396 2.20 -3.93 -22.86
C PHE B 396 2.12 -4.43 -24.30
N LEU B 397 3.25 -4.37 -25.00
CA LEU B 397 3.33 -4.74 -26.42
C LEU B 397 3.01 -6.21 -26.72
N GLN B 398 3.23 -7.08 -25.73
CA GLN B 398 2.91 -8.50 -25.87
C GLN B 398 1.44 -8.74 -26.19
N ASN B 399 0.57 -7.88 -25.68
CA ASN B 399 -0.87 -7.97 -25.92
C ASN B 399 -1.29 -7.64 -27.36
N PHE B 400 -0.37 -7.07 -28.14
CA PHE B 400 -0.66 -6.60 -29.50
C PHE B 400 -0.11 -7.47 -30.62
N LYS B 401 0.49 -8.61 -30.29
CA LYS B 401 1.04 -9.53 -31.29
C LYS B 401 -0.06 -10.07 -32.19
N GLY B 402 0.05 -9.80 -33.49
CA GLY B 402 -0.94 -10.24 -34.48
C GLY B 402 -2.27 -9.50 -34.45
N ASP B 403 -2.35 -8.43 -33.65
CA ASP B 403 -3.58 -7.65 -33.52
C ASP B 403 -3.53 -6.35 -34.32
N PHE B 404 -4.71 -5.88 -34.71
CA PHE B 404 -4.86 -4.53 -35.25
C PHE B 404 -4.53 -3.51 -34.16
N VAL B 405 -4.04 -2.34 -34.57
CA VAL B 405 -3.79 -1.25 -33.66
C VAL B 405 -4.83 -0.17 -33.96
N ASP B 406 -5.76 0.04 -33.02
CA ASP B 406 -6.82 1.02 -33.22
C ASP B 406 -6.25 2.42 -33.41
N PRO B 407 -6.76 3.15 -34.43
CA PRO B 407 -6.39 4.54 -34.71
C PRO B 407 -6.41 5.48 -33.50
N CYS B 408 -7.29 5.24 -32.54
CA CYS B 408 -7.42 6.12 -31.37
C CYS B 408 -6.18 6.11 -30.47
N LEU B 409 -5.35 5.07 -30.60
CA LEU B 409 -4.08 4.97 -29.87
C LEU B 409 -2.98 5.84 -30.48
N GLY B 410 -3.23 6.39 -31.66
CA GLY B 410 -2.24 7.22 -32.35
C GLY B 410 -0.95 6.47 -32.60
N ASP B 411 0.16 7.08 -32.21
CA ASP B 411 1.50 6.55 -32.46
C ASP B 411 2.12 5.80 -31.28
N LEU B 412 1.31 5.53 -30.26
CA LEU B 412 1.79 4.87 -29.02
C LEU B 412 2.55 3.56 -29.30
N ILE B 413 1.94 2.67 -30.07
CA ILE B 413 2.52 1.35 -30.34
C ILE B 413 3.81 1.47 -31.16
N LEU B 414 3.76 2.28 -32.21
CA LEU B 414 4.92 2.56 -33.06
C LEU B 414 6.09 3.12 -32.26
N ILE B 415 5.78 4.01 -31.31
CA ILE B 415 6.78 4.66 -30.48
C ILE B 415 7.42 3.71 -29.46
N LEU B 416 6.59 2.88 -28.84
CA LEU B 416 7.06 1.90 -27.84
C LEU B 416 7.88 0.78 -28.47
N ARG B 417 7.55 0.43 -29.72
CA ARG B 417 8.27 -0.60 -30.46
C ARG B 417 9.71 -0.20 -30.82
N LEU B 418 9.99 1.10 -30.81
CA LEU B 418 11.32 1.62 -31.13
C LEU B 418 12.37 1.08 -30.15
N PRO B 419 13.57 0.75 -30.67
CA PRO B 419 14.69 0.31 -29.84
C PRO B 419 15.09 1.37 -28.83
N SER B 420 15.62 0.94 -27.68
CA SER B 420 15.97 1.87 -26.61
C SER B 420 16.99 2.93 -27.03
N TRP B 421 18.01 2.52 -27.79
CA TRP B 421 19.06 3.44 -28.25
C TRP B 421 18.47 4.53 -29.15
N PHE B 422 17.45 4.15 -29.92
CA PHE B 422 16.82 5.07 -30.86
C PHE B 422 15.87 6.04 -30.17
N LYS B 423 15.17 5.57 -29.14
CA LYS B 423 14.38 6.46 -28.27
C LYS B 423 15.30 7.51 -27.63
N ARG B 424 16.46 7.06 -27.15
CA ARG B 424 17.46 7.96 -26.59
C ARG B 424 17.94 8.96 -27.64
N LEU B 425 18.26 8.47 -28.83
CA LEU B 425 18.74 9.30 -29.94
C LEU B 425 17.73 10.39 -30.31
N LEU B 426 16.49 9.99 -30.56
CA LEU B 426 15.43 10.95 -30.90
C LEU B 426 15.21 11.97 -29.80
N SER B 427 15.33 11.52 -28.55
CA SER B 427 15.09 12.36 -27.38
C SER B 427 16.00 13.59 -27.32
N LEU B 428 17.31 13.36 -27.28
CA LEU B 428 18.25 14.48 -27.19
C LEU B 428 18.46 15.21 -28.52
N LEU B 429 17.77 14.75 -29.57
CA LEU B 429 17.63 15.50 -30.82
C LEU B 429 16.42 16.43 -30.80
N LEU B 430 15.36 15.98 -30.12
CA LEU B 430 14.14 16.77 -29.98
C LEU B 430 14.22 17.77 -28.84
N LYS B 431 15.07 17.50 -27.84
CA LYS B 431 15.12 18.30 -26.61
C LYS B 431 15.27 19.82 -26.81
N PRO B 432 16.20 20.26 -27.70
CA PRO B 432 16.28 21.69 -27.96
C PRO B 432 14.97 22.27 -28.51
N LEU B 433 14.38 21.61 -29.50
CA LEU B 433 13.15 22.09 -30.15
C LEU B 433 11.88 21.83 -29.34
N PHE B 434 11.63 20.56 -29.02
CA PHE B 434 10.39 20.15 -28.35
C PHE B 434 10.66 19.34 -27.09
N PRO B 435 10.90 20.03 -25.96
CA PRO B 435 11.32 19.39 -24.72
C PRO B 435 10.28 18.47 -24.06
N ARG B 436 8.98 18.66 -24.33
CA ARG B 436 7.93 17.78 -23.80
C ARG B 436 8.02 16.40 -24.47
N LEU B 437 8.05 16.41 -25.80
CA LEU B 437 8.13 15.20 -26.59
C LEU B 437 9.41 14.42 -26.28
N ALA B 438 10.52 15.14 -26.13
CA ALA B 438 11.81 14.52 -25.77
C ALA B 438 11.78 13.84 -24.40
N ALA B 439 11.26 14.54 -23.39
CA ALA B 439 11.21 14.00 -22.03
C ALA B 439 10.38 12.72 -21.93
N PHE B 440 9.20 12.72 -22.55
CA PHE B 440 8.34 11.54 -22.56
C PHE B 440 9.00 10.37 -23.26
N LEU B 441 9.63 10.64 -24.40
CA LEU B 441 10.27 9.59 -25.19
C LEU B 441 11.42 8.93 -24.45
N ASN B 442 12.21 9.73 -23.74
CA ASN B 442 13.30 9.21 -22.96
C ASN B 442 12.80 8.35 -21.79
N SER B 443 11.68 8.77 -21.20
CA SER B 443 11.09 8.07 -20.06
C SER B 443 10.37 6.77 -20.42
N MET B 444 10.16 6.55 -21.71
CA MET B 444 9.48 5.35 -22.17
C MET B 444 10.47 4.27 -22.60
N ARG B 445 11.69 4.38 -22.09
CA ARG B 445 12.76 3.41 -22.35
C ARG B 445 12.82 2.36 -21.23
N PRO B 446 13.28 1.13 -21.55
CA PRO B 446 13.38 0.11 -20.52
C PRO B 446 14.53 0.41 -19.54
N ARG B 447 14.40 -0.04 -18.30
CA ARG B 447 15.47 0.14 -17.33
C ARG B 447 15.61 -1.07 -16.41
N SER B 448 16.61 -1.01 -15.52
CA SER B 448 16.89 -2.09 -14.60
C SER B 448 15.98 -2.03 -13.38
N ALA B 449 15.91 -3.13 -12.64
CA ALA B 449 15.23 -3.14 -11.34
C ALA B 449 15.79 -2.06 -10.43
N GLU B 450 17.11 -1.86 -10.50
CA GLU B 450 17.83 -0.85 -9.72
C GLU B 450 17.35 0.59 -10.00
N LYS B 451 17.16 0.91 -11.27
CA LYS B 451 16.62 2.22 -11.66
C LYS B 451 15.15 2.38 -11.28
N LEU B 452 14.40 1.27 -11.29
CA LEU B 452 12.99 1.30 -10.87
C LEU B 452 12.87 1.62 -9.39
N TRP B 453 13.67 0.95 -8.55
CA TRP B 453 13.79 1.29 -7.12
C TRP B 453 14.04 2.78 -6.94
N LYS B 454 15.00 3.31 -7.70
CA LYS B 454 15.36 4.74 -7.66
C LYS B 454 14.15 5.62 -8.02
N LEU B 455 13.44 5.24 -9.08
CA LEU B 455 12.22 5.95 -9.50
C LEU B 455 11.11 5.85 -8.44
N GLN B 456 10.90 4.66 -7.90
CA GLN B 456 9.90 4.44 -6.85
C GLN B 456 10.20 5.28 -5.61
N HIS B 457 11.49 5.37 -5.25
CA HIS B 457 11.92 6.24 -4.16
C HIS B 457 11.61 7.71 -4.43
N GLU B 458 11.89 8.17 -5.65
CA GLU B 458 11.61 9.55 -6.04
C GLU B 458 10.12 9.90 -6.02
N ILE B 459 9.30 8.90 -6.32
CA ILE B 459 7.84 9.03 -6.26
C ILE B 459 7.36 9.19 -4.81
N GLU B 460 7.92 8.39 -3.90
CA GLU B 460 7.66 8.53 -2.46
C GLU B 460 8.06 9.90 -1.96
N MET B 461 9.25 10.35 -2.34
CA MET B 461 9.77 11.65 -1.94
CA MET B 461 9.76 11.65 -1.93
C MET B 461 8.89 12.78 -2.49
N TYR B 462 8.49 12.67 -3.75
CA TYR B 462 7.64 13.68 -4.38
C TYR B 462 6.31 13.83 -3.65
N ARG B 463 5.70 12.69 -3.34
CA ARG B 463 4.46 12.65 -2.58
CA ARG B 463 4.44 12.65 -2.58
C ARG B 463 4.61 13.40 -1.27
N GLN B 464 5.71 13.10 -0.57
CA GLN B 464 6.06 13.74 0.70
C GLN B 464 6.25 15.25 0.54
N SER B 465 6.83 15.68 -0.60
CA SER B 465 7.05 17.09 -0.85
C SER B 465 5.75 17.89 -1.11
N VAL B 466 4.78 17.27 -1.78
CA VAL B 466 3.48 17.91 -2.00
C VAL B 466 2.68 17.94 -0.69
N ILE B 467 2.72 16.85 0.07
CA ILE B 467 2.12 16.81 1.41
C ILE B 467 2.67 17.94 2.31
N ALA B 468 3.99 18.12 2.30
CA ALA B 468 4.62 19.21 3.06
C ALA B 468 4.15 20.61 2.61
N GLN B 469 4.03 20.79 1.29
CA GLN B 469 3.44 22.00 0.69
C GLN B 469 2.02 22.24 1.19
N TRP B 470 1.21 21.20 1.09
CA TRP B 470 -0.19 21.18 1.52
C TRP B 470 -0.35 21.62 2.97
N LYS B 471 0.48 21.04 3.83
CA LYS B 471 0.47 21.33 5.26
C LYS B 471 0.95 22.74 5.59
N ALA B 472 1.91 23.26 4.81
CA ALA B 472 2.45 24.60 5.01
C ALA B 472 1.41 25.67 4.72
N MET B 473 0.50 25.39 3.79
CA MET B 473 -0.64 26.25 3.52
C MET B 473 -1.84 25.86 4.39
N ASN B 474 -1.68 24.78 5.16
CA ASN B 474 -2.76 24.20 5.97
C ASN B 474 -4.08 23.97 5.19
N LEU B 475 -3.96 23.33 4.03
CA LEU B 475 -5.14 23.02 3.21
C LEU B 475 -5.94 21.86 3.78
N ASP B 476 -7.24 21.89 3.50
CA ASP B 476 -8.10 20.73 3.69
C ASP B 476 -8.19 19.99 2.36
N VAL B 477 -8.23 20.79 1.30
CA VAL B 477 -8.75 20.35 0.03
C VAL B 477 -8.13 21.16 -1.11
N LEU B 478 -8.15 20.61 -2.33
CA LEU B 478 -7.57 21.27 -3.48
C LEU B 478 -8.51 21.30 -4.69
N LEU B 479 -8.69 22.50 -5.25
CA LEU B 479 -9.52 22.74 -6.42
C LEU B 479 -8.64 22.94 -7.66
N THR B 480 -9.02 22.28 -8.75
CA THR B 480 -8.17 22.12 -9.92
C THR B 480 -9.02 22.25 -11.20
N PRO B 481 -8.41 22.69 -12.33
CA PRO B 481 -9.16 22.55 -13.57
C PRO B 481 -9.25 21.08 -13.99
N MET B 482 -10.25 20.75 -14.79
CA MET B 482 -10.37 19.45 -15.38
C MET B 482 -10.43 19.59 -16.90
N LEU B 483 -9.59 18.83 -17.59
CA LEU B 483 -9.55 18.85 -19.04
C LEU B 483 -10.96 18.78 -19.64
N GLY B 484 -11.26 19.74 -20.50
CA GLY B 484 -12.56 19.89 -21.12
C GLY B 484 -12.59 21.11 -22.04
N PRO B 485 -13.59 21.18 -22.93
CA PRO B 485 -14.65 20.19 -23.17
C PRO B 485 -14.13 18.98 -23.93
N ALA B 486 -15.01 18.00 -24.15
CA ALA B 486 -14.66 16.78 -24.87
C ALA B 486 -13.87 17.05 -26.16
N LEU B 487 -12.89 16.19 -26.40
CA LEU B 487 -12.05 16.24 -27.59
C LEU B 487 -12.71 15.51 -28.76
N ASP B 488 -12.43 15.96 -29.97
CA ASP B 488 -12.87 15.25 -31.17
C ASP B 488 -12.37 13.81 -31.14
N LEU B 489 -13.15 12.91 -31.75
CA LEU B 489 -12.76 11.51 -31.86
C LEU B 489 -11.37 11.37 -32.49
N ASN B 490 -10.60 10.41 -31.98
CA ASN B 490 -9.24 10.11 -32.49
C ASN B 490 -8.17 11.16 -32.24
N THR B 491 -8.46 12.14 -31.37
CA THR B 491 -7.47 13.14 -31.00
C THR B 491 -6.80 12.98 -29.63
N PRO B 492 -7.49 12.37 -28.63
CA PRO B 492 -6.82 12.16 -27.34
C PRO B 492 -5.47 11.43 -27.47
N GLY B 493 -5.43 10.43 -28.35
CA GLY B 493 -4.20 9.69 -28.64
C GLY B 493 -3.08 10.54 -29.22
N ARG B 494 -3.40 11.77 -29.61
CA ARG B 494 -2.42 12.68 -30.19
C ARG B 494 -2.27 13.98 -29.38
N ALA B 495 -2.82 13.97 -28.17
CA ALA B 495 -2.70 15.12 -27.25
C ALA B 495 -2.33 14.63 -25.85
N THR B 496 -1.28 13.84 -25.79
CA THR B 496 -0.82 13.18 -24.57
C THR B 496 -0.54 14.15 -23.43
N GLY B 497 0.00 15.32 -23.77
CA GLY B 497 0.27 16.37 -22.79
C GLY B 497 -0.93 16.73 -21.92
N ALA B 498 -2.13 16.59 -22.48
CA ALA B 498 -3.38 16.96 -21.81
C ALA B 498 -3.78 16.10 -20.60
N ILE B 499 -3.02 15.04 -20.33
CA ILE B 499 -3.25 14.20 -19.15
C ILE B 499 -2.69 14.85 -17.87
N SER B 500 -2.07 16.02 -18.03
CA SER B 500 -1.38 16.68 -16.93
C SER B 500 -2.27 16.94 -15.71
N TYR B 501 -3.53 17.36 -15.96
CA TYR B 501 -4.46 17.64 -14.87
C TYR B 501 -4.87 16.42 -14.06
N THR B 502 -4.80 15.25 -14.70
CA THR B 502 -5.26 14.02 -14.06
C THR B 502 -4.13 13.14 -13.53
N VAL B 503 -3.19 12.79 -14.39
CA VAL B 503 -2.18 11.78 -14.05
C VAL B 503 -1.36 12.15 -12.81
N LEU B 504 -1.26 13.45 -12.53
CA LEU B 504 -0.52 13.97 -11.38
C LEU B 504 -1.02 13.37 -10.06
N TYR B 505 -2.33 13.11 -9.97
CA TYR B 505 -2.94 12.61 -8.74
C TYR B 505 -3.00 11.08 -8.62
N ASN B 506 -2.66 10.40 -9.72
CA ASN B 506 -2.34 8.97 -9.69
C ASN B 506 -0.92 8.75 -9.17
N CYS B 507 0.02 9.54 -9.70
CA CYS B 507 1.40 9.60 -9.22
C CYS B 507 1.42 9.87 -7.72
N LEU B 508 0.76 10.96 -7.32
CA LEU B 508 0.59 11.31 -5.92
C LEU B 508 -0.27 10.34 -5.11
N ASP B 509 -1.15 9.61 -5.80
CA ASP B 509 -2.14 8.74 -5.17
C ASP B 509 -2.99 9.50 -4.14
N PHE B 510 -3.54 10.63 -4.58
CA PHE B 510 -4.52 11.40 -3.80
C PHE B 510 -5.89 11.11 -4.40
N PRO B 511 -6.93 10.96 -3.54
CA PRO B 511 -8.29 10.87 -4.07
C PRO B 511 -8.65 12.14 -4.85
N ALA B 512 -9.21 11.96 -6.04
CA ALA B 512 -9.59 13.07 -6.89
C ALA B 512 -10.88 12.74 -7.61
N GLY B 513 -11.80 13.70 -7.61
CA GLY B 513 -13.08 13.52 -8.27
C GLY B 513 -13.41 14.70 -9.15
N VAL B 514 -14.33 14.50 -10.08
CA VAL B 514 -14.78 15.58 -10.95
C VAL B 514 -16.30 15.79 -10.86
N VAL B 515 -16.72 17.04 -10.98
CA VAL B 515 -18.14 17.38 -11.03
C VAL B 515 -18.42 18.41 -12.14
N PRO B 516 -19.51 18.19 -12.92
CA PRO B 516 -19.89 19.14 -13.97
C PRO B 516 -20.35 20.45 -13.33
N VAL B 517 -19.87 21.58 -13.83
CA VAL B 517 -20.22 22.88 -13.25
C VAL B 517 -20.83 23.85 -14.25
N THR B 518 -20.60 23.62 -15.53
CA THR B 518 -21.05 24.54 -16.57
C THR B 518 -21.05 23.85 -17.92
N THR B 519 -21.57 24.54 -18.93
CA THR B 519 -21.45 24.08 -20.32
C THR B 519 -20.71 25.15 -21.13
N VAL B 520 -20.10 24.73 -22.24
CA VAL B 520 -19.42 25.66 -23.14
C VAL B 520 -20.43 26.62 -23.78
N THR B 521 -20.19 27.91 -23.62
CA THR B 521 -20.95 28.91 -24.37
C THR B 521 -20.25 29.16 -25.71
N ALA B 522 -20.99 29.75 -26.64
CA ALA B 522 -20.41 30.15 -27.92
C ALA B 522 -19.29 31.18 -27.70
N GLU B 523 -19.44 32.00 -26.67
CA GLU B 523 -18.40 32.93 -26.24
C GLU B 523 -17.11 32.18 -25.88
N ASP B 524 -17.22 31.15 -25.02
CA ASP B 524 -16.08 30.30 -24.64
C ASP B 524 -15.44 29.67 -25.89
N ASP B 525 -16.30 29.15 -26.75
CA ASP B 525 -15.89 28.37 -27.93
C ASP B 525 -15.13 29.25 -28.92
N ALA B 526 -15.64 30.44 -29.19
CA ALA B 526 -14.99 31.40 -30.07
C ALA B 526 -13.58 31.77 -29.60
N GLN B 527 -13.40 31.82 -28.28
CA GLN B 527 -12.12 32.16 -27.66
C GLN B 527 -11.03 31.11 -27.88
N MET B 528 -11.43 29.91 -28.31
CA MET B 528 -10.45 28.87 -28.68
C MET B 528 -9.56 29.26 -29.86
N GLU B 529 -9.99 30.26 -30.62
CA GLU B 529 -9.19 30.75 -31.75
C GLU B 529 -7.95 31.53 -31.27
N LEU B 530 -7.96 31.95 -30.01
CA LEU B 530 -6.81 32.64 -29.42
C LEU B 530 -5.95 31.72 -28.55
N TYR B 531 -6.35 30.46 -28.46
CA TYR B 531 -5.62 29.44 -27.70
C TYR B 531 -4.35 29.05 -28.45
N LYS B 532 -3.21 29.09 -27.78
CA LYS B 532 -1.92 28.74 -28.40
C LYS B 532 -1.20 27.60 -27.70
N GLY B 533 -1.53 27.37 -26.43
CA GLY B 533 -0.78 26.44 -25.59
C GLY B 533 0.50 27.11 -25.12
N TYR B 534 1.17 26.50 -24.15
CA TYR B 534 2.39 27.08 -23.59
C TYR B 534 3.65 26.69 -24.35
N PHE B 535 3.55 25.62 -25.14
CA PHE B 535 4.71 25.03 -25.82
C PHE B 535 4.64 25.20 -27.33
N GLY B 536 3.45 25.04 -27.89
CA GLY B 536 3.24 25.15 -29.33
C GLY B 536 3.78 23.95 -30.09
N ASP B 537 3.91 22.82 -29.38
CA ASP B 537 4.31 21.56 -30.01
C ASP B 537 3.07 20.86 -30.59
N ILE B 538 3.28 19.72 -31.24
CA ILE B 538 2.17 18.97 -31.87
C ILE B 538 0.99 18.69 -30.95
N TRP B 539 1.27 18.47 -29.66
CA TRP B 539 0.22 18.24 -28.67
C TRP B 539 -0.66 19.47 -28.47
N ASP B 540 -0.04 20.64 -28.35
CA ASP B 540 -0.75 21.93 -28.28
C ASP B 540 -1.58 22.19 -29.55
N ILE B 541 -0.99 21.92 -30.71
CA ILE B 541 -1.67 22.09 -32.01
C ILE B 541 -2.93 21.23 -32.11
N ILE B 542 -2.80 19.95 -31.79
CA ILE B 542 -3.92 19.03 -31.82
C ILE B 542 -5.00 19.41 -30.81
N LEU B 543 -4.59 19.72 -29.57
CA LEU B 543 -5.52 20.09 -28.52
C LEU B 543 -6.34 21.33 -28.90
N LYS B 544 -5.68 22.30 -29.53
CA LYS B 544 -6.36 23.52 -30.00
C LYS B 544 -7.53 23.20 -30.92
N LYS B 545 -7.29 22.36 -31.92
CA LYS B 545 -8.30 21.97 -32.87
C LYS B 545 -9.34 21.07 -32.20
N ALA B 546 -8.86 20.15 -31.36
CA ALA B 546 -9.69 19.12 -30.74
C ALA B 546 -10.77 19.65 -29.79
N MET B 547 -10.49 20.77 -29.13
CA MET B 547 -11.43 21.36 -28.18
C MET B 547 -12.42 22.35 -28.80
N LYS B 548 -12.27 22.60 -30.10
CA LYS B 548 -13.18 23.46 -30.87
C LYS B 548 -14.52 22.76 -31.11
N ASN B 549 -15.48 23.53 -31.63
CA ASN B 549 -16.82 23.03 -31.96
CA ASN B 549 -16.81 23.00 -31.97
C ASN B 549 -17.44 22.28 -30.79
N SER B 550 -17.50 22.94 -29.64
CA SER B 550 -17.93 22.29 -28.40
C SER B 550 -19.05 23.01 -27.66
N VAL B 551 -19.77 23.90 -28.35
CA VAL B 551 -20.90 24.63 -27.73
C VAL B 551 -21.93 23.66 -27.14
N GLY B 552 -22.34 23.93 -25.90
CA GLY B 552 -23.31 23.09 -25.19
C GLY B 552 -22.70 21.90 -24.46
N LEU B 553 -21.42 21.63 -24.68
CA LEU B 553 -20.74 20.50 -24.04
C LEU B 553 -20.43 20.80 -22.56
N PRO B 554 -20.52 19.76 -21.71
CA PRO B 554 -20.27 19.93 -20.28
C PRO B 554 -18.79 20.19 -19.96
N VAL B 555 -18.56 20.99 -18.93
CA VAL B 555 -17.23 21.33 -18.46
C VAL B 555 -17.18 21.11 -16.97
N ALA B 556 -16.09 20.48 -16.52
CA ALA B 556 -15.94 20.09 -15.12
C ALA B 556 -14.80 20.78 -14.41
N VAL B 557 -14.80 20.57 -13.09
CA VAL B 557 -13.77 21.01 -12.19
C VAL B 557 -13.28 19.77 -11.41
N GLN B 558 -12.05 19.78 -10.91
CA GLN B 558 -11.50 18.64 -10.16
C GLN B 558 -11.32 18.94 -8.67
N CYS B 559 -11.73 17.99 -7.84
CA CYS B 559 -11.61 18.11 -6.39
C CYS B 559 -10.64 17.07 -5.84
N VAL B 560 -9.69 17.52 -5.01
CA VAL B 560 -8.61 16.66 -4.53
C VAL B 560 -8.49 16.74 -3.00
N ALA B 561 -8.29 15.59 -2.36
CA ALA B 561 -7.97 15.53 -0.94
C ALA B 561 -6.72 14.67 -0.72
N LEU B 562 -6.23 14.63 0.51
CA LEU B 562 -5.07 13.79 0.85
C LEU B 562 -5.43 12.29 0.82
N PRO B 563 -4.41 11.41 0.74
CA PRO B 563 -4.67 9.97 0.69
C PRO B 563 -5.62 9.51 1.81
N TRP B 564 -6.50 8.56 1.48
CA TRP B 564 -7.48 8.00 2.42
C TRP B 564 -8.59 8.95 2.83
N GLN B 565 -8.61 10.14 2.23
CA GLN B 565 -9.63 11.12 2.55
C GLN B 565 -10.72 11.26 1.47
N GLU B 566 -11.23 10.11 1.02
CA GLU B 566 -12.32 10.07 0.03
C GLU B 566 -13.55 10.81 0.50
N GLU B 567 -13.89 10.66 1.78
CA GLU B 567 -15.08 11.29 2.35
C GLU B 567 -15.01 12.81 2.30
N LEU B 568 -13.83 13.34 2.60
CA LEU B 568 -13.58 14.79 2.52
C LEU B 568 -13.57 15.26 1.07
N CYS B 569 -13.00 14.47 0.17
CA CYS B 569 -13.07 14.76 -1.26
C CYS B 569 -14.54 14.84 -1.71
N LEU B 570 -15.35 13.88 -1.26
CA LEU B 570 -16.78 13.87 -1.57
C LEU B 570 -17.52 15.05 -0.94
N ARG B 571 -17.13 15.42 0.29
CA ARG B 571 -17.69 16.56 0.99
C ARG B 571 -17.49 17.85 0.19
N PHE B 572 -16.29 18.02 -0.35
CA PHE B 572 -15.95 19.16 -1.19
C PHE B 572 -16.69 19.10 -2.54
N MET B 573 -16.73 17.93 -3.16
CA MET B 573 -17.49 17.73 -4.40
C MET B 573 -18.97 18.09 -4.22
N ARG B 574 -19.53 17.71 -3.07
CA ARG B 574 -20.92 17.96 -2.74
C ARG B 574 -21.15 19.47 -2.64
N GLU B 575 -20.17 20.18 -2.09
CA GLU B 575 -20.21 21.64 -1.95
C GLU B 575 -20.19 22.34 -3.32
N VAL B 576 -19.26 21.93 -4.18
CA VAL B 576 -19.15 22.45 -5.54
C VAL B 576 -20.45 22.20 -6.32
N GLU B 577 -20.99 20.99 -6.20
CA GLU B 577 -22.25 20.63 -6.86
C GLU B 577 -23.38 21.55 -6.40
N GLN B 578 -23.49 21.74 -5.08
CA GLN B 578 -24.55 22.55 -4.50
C GLN B 578 -24.49 23.99 -4.98
N LEU B 579 -23.28 24.57 -5.00
CA LEU B 579 -23.09 25.97 -5.37
C LEU B 579 -23.22 26.25 -6.86
N MET B 580 -22.71 25.34 -7.69
CA MET B 580 -22.70 25.53 -9.14
C MET B 580 -23.94 25.01 -9.84
N THR B 581 -24.51 23.92 -9.32
CA THR B 581 -25.70 23.31 -9.89
C THR B 581 -26.71 22.91 -8.79
N PRO B 582 -27.32 23.91 -8.11
CA PRO B 582 -28.18 23.64 -6.95
C PRO B 582 -29.36 22.69 -7.18
N GLN B 583 -29.91 22.63 -8.39
CA GLN B 583 -31.08 21.75 -8.64
C GLN B 583 -30.72 20.26 -8.61
N LYS B 584 -29.43 19.95 -8.61
CA LYS B 584 -28.92 18.59 -8.48
C LYS B 584 -29.13 18.08 -7.05
N GLN B 585 -29.36 19.01 -6.12
CA GLN B 585 -29.66 18.70 -4.71
C GLN B 585 -30.94 19.38 -4.27
N1 QK5 C . 16.86 -7.64 6.14
N3 QK5 C . 20.63 -12.85 3.60
C4 QK5 C . 17.73 -9.65 5.24
C5 QK5 C . 17.62 -9.12 3.96
C6 QK5 C . 18.02 -10.81 7.13
C7 QK5 C . 18.16 -10.87 5.76
C8 QK5 C . 18.70 -12.07 4.97
C10 QK5 C . 19.80 -13.20 2.41
C13 QK5 C . 18.39 -11.93 8.11
C15 QK5 C . 23.40 -15.12 3.07
C17 QK5 C . 23.82 -13.83 5.03
C20 QK5 C . 24.72 -17.85 1.06
C21 QK5 C . 23.70 -17.58 0.12
C22 QK5 C . 25.61 -18.89 0.79
C24 QK5 C . 24.48 -19.37 -1.29
C26 QK5 C . 17.23 -9.11 8.81
C19 QK5 C . 24.69 -17.01 2.14
C23 QK5 C . 25.50 -19.65 -0.38
C25 QK5 C . 23.58 -18.34 -1.05
S1 QK5 C . 22.79 -16.30 0.73
C18 QK5 C . 23.70 -16.10 2.13
N4 QK5 C . 22.24 -14.45 2.94
C16 QK5 C . 24.23 -14.82 4.13
N5 QK5 C . 22.67 -13.20 4.85
C14 QK5 C . 21.87 -13.50 3.81
C9 QK5 C . 20.15 -11.80 4.54
C11 QK5 C . 18.36 -13.50 2.85
C12 QK5 C . 17.81 -12.38 3.73
C1 QK5 C . 17.13 -7.83 3.79
C2 QK5 C . 16.75 -7.11 4.92
C3 QK5 C . 17.33 -8.88 6.34
N2 QK5 C . 17.52 -9.60 7.44
C27 QK5 C . 16.26 -9.97 9.53
N6 QK5 C . 15.51 -10.62 10.07
C1 EDO D . 36.94 -5.88 6.67
O1 EDO D . 35.81 -6.73 6.53
C2 EDO D . 37.29 -5.33 5.29
O2 EDO D . 38.43 -4.48 5.42
C1 EDO E . 44.70 3.63 -0.02
O1 EDO E . 44.78 2.24 0.35
C2 EDO E . 44.21 4.43 1.18
O2 EDO E . 45.03 5.59 1.36
C1 EDO F . 10.37 -31.78 3.34
O1 EDO F . 10.06 -32.31 4.64
C2 EDO F . 11.86 -31.47 3.27
O2 EDO F . 12.24 -31.16 1.92
C1 GOL G . 9.17 -20.71 32.00
O1 GOL G . 9.14 -22.12 32.04
C2 GOL G . 8.71 -20.21 30.64
O2 GOL G . 7.41 -20.71 30.41
C3 GOL G . 8.64 -18.69 30.59
O3 GOL G . 9.61 -18.18 29.70
C1 EDO H . -5.67 -1.80 25.57
O1 EDO H . -6.03 -1.21 24.33
C2 EDO H . -4.29 -1.30 25.98
O2 EDO H . -4.42 -0.33 27.02
C1 EDO I . 17.66 -13.47 -12.87
O1 EDO I . 17.72 -12.47 -13.89
C2 EDO I . 16.75 -12.99 -11.73
O2 EDO I . 16.08 -14.12 -11.16
C1 EDO J . 11.50 -9.47 30.67
O1 EDO J . 11.71 -9.12 32.05
C2 EDO J . 10.31 -10.41 30.54
O2 EDO J . 9.91 -10.48 29.15
N1 QK5 K . -3.15 4.28 -18.87
N3 QK5 K . 0.67 7.74 -23.55
C4 QK5 K . -1.76 5.76 -20.11
C5 QK5 K . -0.64 5.01 -19.78
C6 QK5 K . -3.32 7.20 -20.84
C7 QK5 K . -1.96 6.92 -20.86
C8 QK5 K . -0.90 7.74 -21.60
C10 QK5 K . 1.86 8.06 -22.74
C13 QK5 K . -4.00 8.39 -21.54
C15 QK5 K . 1.86 8.99 -26.72
C17 QK5 K . -0.33 8.06 -27.02
C20 QK5 K . 4.51 10.82 -28.44
C21 QK5 K . 5.31 10.65 -27.29
C22 QK5 K . 5.05 11.51 -29.52
C24 QK5 K . 7.13 11.85 -28.32
C26 QK5 K . -5.36 6.16 -19.81
C19 QK5 K . 3.26 10.26 -28.32
C23 QK5 K . 6.35 12.03 -29.46
C25 QK5 K . 6.61 11.15 -27.22
S1 QK5 K . 4.38 9.79 -26.17
C18 QK5 K . 3.01 9.65 -27.16
N4 QK5 K . 1.76 8.67 -25.42
C16 QK5 K . 0.79 8.69 -27.57
N5 QK5 K . -0.37 7.76 -25.73
C14 QK5 K . 0.67 8.06 -24.93
C9 QK5 K . -0.50 7.06 -22.93
C11 QK5 K . 1.48 8.72 -21.43
C12 QK5 K . 0.35 7.94 -20.71
C1 QK5 K . -0.81 3.88 -18.97
C2 QK5 K . -2.10 3.54 -18.53
C3 QK5 K . -3.02 5.38 -19.64
N2 QK5 K . -3.93 6.25 -20.10
C27 QK5 K . -5.82 7.40 -19.16
N6 QK5 K . -6.19 8.36 -18.67
C1 EDO L . -23.72 20.37 -16.80
O1 EDO L . -24.13 19.43 -17.81
C2 EDO L . -24.75 21.49 -16.69
O2 EDO L . -24.27 22.57 -15.88
C1 EDO M . 16.26 5.54 -18.94
O1 EDO M . 16.76 4.27 -18.49
C2 EDO M . 15.08 5.95 -18.07
O2 EDO M . 15.20 7.33 -17.71
C1 EDO N . -5.51 34.53 -19.55
O1 EDO N . -6.32 34.03 -20.64
C2 EDO N . -5.93 35.95 -19.23
O2 EDO N . -5.56 36.27 -17.88
C1 EDO O . 4.82 28.52 -18.34
O1 EDO O . 3.48 29.00 -18.45
C2 EDO O . 5.07 27.44 -19.39
O2 EDO O . 6.46 27.41 -19.74
C1 EDO P . -30.13 12.40 -17.50
O1 EDO P . -28.77 11.95 -17.41
C2 EDO P . -31.04 11.45 -16.74
O2 EDO P . -31.53 12.08 -15.55
C1 EDO Q . -22.24 23.29 3.64
O1 EDO Q . -20.96 23.96 3.65
C2 EDO Q . -21.99 21.81 3.44
O2 EDO Q . -23.06 21.05 4.03
C1 EDO R . -9.16 -11.88 -14.01
O1 EDO R . -7.79 -11.60 -13.68
C2 EDO R . -9.33 -11.79 -15.52
O2 EDO R . -10.71 -11.99 -15.88
C1 EDO S . -31.62 13.71 -4.22
O1 EDO S . -32.85 13.17 -3.73
C2 EDO S . -30.49 13.30 -3.27
O2 EDO S . -29.41 12.81 -4.06
C1 EDO T . -15.50 26.16 -34.12
O1 EDO T . -15.04 26.23 -32.78
C2 EDO T . -14.40 25.70 -35.07
O2 EDO T . -14.35 26.51 -36.25
#